data_7PUG
#
_entry.id   7PUG
#
_cell.length_a   148.630
_cell.length_b   148.630
_cell.length_c   272.790
_cell.angle_alpha   90.000
_cell.angle_beta   90.000
_cell.angle_gamma   120.000
#
_symmetry.space_group_name_H-M   'P 61 2 2'
#
loop_
_entity.id
_entity.type
_entity.pdbx_description
1 polymer 'xylan alpha-1,2-glucuronidase'
2 branched beta-D-xylopyranose-(1-4)-beta-D-xylopyranose-(1-4)-beta-D-xylopyranose-(1-4)-beta-D-xylopyranose-(1-4)-beta-D-xylopyranose
3 non-polymer 'CHLORIDE ION'
4 non-polymer 'CALCIUM ION'
5 water water
#
_entity_poly.entity_id   1
_entity_poly.type   'polypeptide(L)'
_entity_poly.pdbx_seq_one_letter_code
;AGDNKGITYEELNPERFTLLEKGTPTNILIDENEDQGVMIAATNLSEDFGRVSGTNAPLIFLPDNERLIIVGTLESRYIK
ELTENRKIKGDELKGKNEKYLMTVVDNPLPGVKEALIIAGSDKRGAIYGIYELSEQIGVSPWYDWADVPVKPQQNLSIER
GSYTADEPAVTYRGIFLNDEAPALTSWVENTYGTKYGDHRFYSRVFELILRLRGNFLWPAMWDWSFYGDDPLNSKTADTM
GIIMGTSHHEPMARNHQEWARNRDKYGVWDYTSNQEVIDQFFREGIERVKDTDDLITIGMRGDGDTPMPMGVKEGEDHLP
SDEDNMRLLERIIKNQREIIGDVTGESPEKTPQVWAIYKEVQRYFDLGLRPPEDVIILLSDDNWGNVRRLPTEEERDHPG
GWGMYYHFDYVGAPRSSKWLNISPIQNIWEQMQLTYDYGVDELWVANVGDLKPMEYPITLFLDMAWDPTRFNAENLLDHT
RSFAAQQFGEDQADEAARIINLYSKYNGRVTPEMLDRNTYNLESGEWKKVSDEYIKLEAEALRQYLTLEPEQRDAYKQLI
LYPVQAMANLYEMYYSQAMNHKLYRENNPMANYWADRVEETFNRDAELSHDYNKVMANGKWDGMMTQKKIGYRSWNDNFP
ADTLPQIFRIENPEEATGGYVFTARDGVVVIEAEHYFEAKDAEEAKWTVIPYMGRTLSSIALMPYTKEVEGASLSYRMQI
PDEVSEVKVHVVVKSTLPFHDPKGHEYRVGFEGGSKEIVNFNWNLNEEPENIYSVFYPTVASRVVKKDVTLDLHDTDDGF
YTLTLEPLDPGIVFQKIVVDFGGYEESRLFMEESPNKRIEIE
;
_entity_poly.pdbx_strand_id   A
#
# COMPACT_ATOMS: atom_id res chain seq x y z
N ALA A 1 -1.59 -14.06 -19.78
CA ALA A 1 -0.66 -15.12 -19.48
C ALA A 1 -0.34 -15.17 -17.99
N GLY A 2 -1.22 -15.71 -17.15
CA GLY A 2 -0.86 -15.89 -15.75
C GLY A 2 0.19 -16.96 -15.61
N ASP A 3 -0.15 -18.22 -15.90
CA ASP A 3 0.76 -19.33 -15.62
C ASP A 3 1.89 -19.42 -16.65
N ASN A 4 1.57 -19.45 -17.93
CA ASN A 4 2.55 -19.63 -18.99
C ASN A 4 2.69 -18.35 -19.78
N LYS A 5 3.90 -17.81 -19.83
CA LYS A 5 4.12 -16.51 -20.44
C LYS A 5 4.74 -16.67 -21.83
N GLY A 6 4.39 -15.76 -22.73
CA GLY A 6 4.99 -15.74 -24.06
C GLY A 6 4.64 -16.89 -24.99
N ILE A 7 3.40 -17.37 -24.94
CA ILE A 7 2.93 -18.41 -25.86
C ILE A 7 1.74 -17.97 -26.69
N THR A 8 1.12 -16.84 -26.37
CA THR A 8 0.05 -16.29 -27.18
C THR A 8 0.58 -15.11 -27.97
N TYR A 9 0.38 -15.14 -29.28
CA TYR A 9 0.88 -14.13 -30.20
C TYR A 9 -0.29 -13.33 -30.79
N GLU A 10 0.03 -12.15 -31.31
CA GLU A 10 -0.99 -11.27 -31.89
C GLU A 10 -1.13 -11.44 -33.40
N GLU A 11 -0.33 -12.29 -34.01
CA GLU A 11 -0.45 -12.67 -35.42
C GLU A 11 -0.71 -14.17 -35.50
N LEU A 12 -1.28 -14.60 -36.62
CA LEU A 12 -1.51 -16.02 -36.82
C LEU A 12 -0.26 -16.68 -37.41
N ASN A 13 -0.26 -18.01 -37.39
CA ASN A 13 0.91 -18.72 -37.89
C ASN A 13 0.52 -20.15 -38.19
N PRO A 14 0.99 -20.73 -39.29
CA PRO A 14 0.64 -22.13 -39.59
C PRO A 14 0.95 -23.10 -38.46
N GLU A 15 2.06 -22.89 -37.74
CA GLU A 15 2.45 -23.79 -36.67
C GLU A 15 1.94 -23.32 -35.30
N ARG A 16 0.90 -22.49 -35.27
CA ARG A 16 0.21 -22.12 -34.04
C ARG A 16 -1.28 -22.29 -34.22
N PHE A 17 -2.00 -22.31 -33.10
CA PHE A 17 -3.44 -22.57 -33.10
C PHE A 17 -4.21 -21.25 -33.03
N THR A 18 -5.10 -21.04 -33.99
CA THR A 18 -5.85 -19.79 -34.08
C THR A 18 -6.97 -19.75 -33.05
N LEU A 19 -6.92 -18.76 -32.17
CA LEU A 19 -8.00 -18.52 -31.22
C LEU A 19 -8.98 -17.46 -31.71
N LEU A 20 -8.59 -16.67 -32.69
CA LEU A 20 -9.36 -15.50 -33.10
C LEU A 20 -8.81 -15.07 -34.44
N GLU A 21 -9.67 -14.96 -35.44
CA GLU A 21 -9.24 -14.64 -36.79
C GLU A 21 -10.15 -13.56 -37.33
N LYS A 22 -9.54 -12.46 -37.78
CA LYS A 22 -10.28 -11.33 -38.34
C LYS A 22 -11.55 -11.02 -37.56
N GLY A 23 -11.47 -10.96 -36.23
CA GLY A 23 -12.62 -10.64 -35.40
C GLY A 23 -13.44 -11.82 -34.91
N THR A 24 -13.37 -12.97 -35.57
CA THR A 24 -14.24 -14.07 -35.18
C THR A 24 -13.53 -15.02 -34.25
N PRO A 25 -14.06 -15.22 -33.04
CA PRO A 25 -13.47 -16.17 -32.10
C PRO A 25 -13.67 -17.62 -32.54
N THR A 26 -12.77 -18.47 -32.07
CA THR A 26 -12.97 -19.90 -32.18
C THR A 26 -14.01 -20.36 -31.17
N ASN A 27 -14.91 -21.24 -31.61
CA ASN A 27 -15.98 -21.73 -30.74
C ASN A 27 -15.42 -22.58 -29.60
N ILE A 28 -16.12 -22.55 -28.47
CA ILE A 28 -15.79 -23.32 -27.28
C ILE A 28 -16.78 -24.48 -27.19
N LEU A 29 -16.25 -25.70 -27.23
CA LEU A 29 -17.09 -26.89 -27.10
C LEU A 29 -17.15 -27.31 -25.65
N ILE A 30 -18.36 -27.55 -25.13
CA ILE A 30 -18.50 -27.99 -23.75
C ILE A 30 -19.63 -29.01 -23.65
N ASP A 31 -19.46 -29.98 -22.76
CA ASP A 31 -20.53 -30.91 -22.44
C ASP A 31 -21.67 -30.13 -21.78
N GLU A 32 -22.89 -30.33 -22.27
CA GLU A 32 -23.98 -29.54 -21.73
C GLU A 32 -24.40 -29.99 -20.34
N ASN A 33 -23.91 -31.14 -19.89
CA ASN A 33 -24.09 -31.60 -18.52
C ASN A 33 -22.82 -31.45 -17.68
N GLU A 34 -21.83 -30.73 -18.21
CA GLU A 34 -20.64 -30.40 -17.45
C GLU A 34 -21.03 -29.79 -16.10
N ASP A 35 -20.16 -29.95 -15.11
CA ASP A 35 -20.35 -29.28 -13.83
C ASP A 35 -20.74 -27.82 -14.02
N GLN A 36 -21.82 -27.42 -13.35
CA GLN A 36 -22.40 -26.10 -13.55
C GLN A 36 -21.39 -24.98 -13.25
N GLY A 37 -20.53 -25.17 -12.25
CA GLY A 37 -19.50 -24.17 -12.00
C GLY A 37 -18.51 -24.05 -13.14
N VAL A 38 -18.20 -25.17 -13.80
CA VAL A 38 -17.33 -25.12 -14.97
C VAL A 38 -18.03 -24.41 -16.13
N MET A 39 -19.33 -24.67 -16.31
CA MET A 39 -20.05 -23.97 -17.36
C MET A 39 -20.04 -22.48 -17.11
N ILE A 40 -20.14 -22.06 -15.86
CA ILE A 40 -20.11 -20.65 -15.54
C ILE A 40 -18.80 -20.04 -16.01
N ALA A 41 -17.68 -20.68 -15.66
CA ALA A 41 -16.38 -20.21 -16.13
C ALA A 41 -16.28 -20.20 -17.65
N ALA A 42 -16.77 -21.26 -18.31
CA ALA A 42 -16.78 -21.29 -19.77
C ALA A 42 -17.59 -20.12 -20.33
N THR A 43 -18.74 -19.82 -19.73
CA THR A 43 -19.50 -18.65 -20.16
C THR A 43 -18.70 -17.37 -19.96
N ASN A 44 -17.96 -17.28 -18.86
CA ASN A 44 -17.14 -16.10 -18.65
C ASN A 44 -16.05 -16.00 -19.70
N LEU A 45 -15.48 -17.14 -20.11
CA LEU A 45 -14.50 -17.14 -21.20
C LEU A 45 -15.15 -16.73 -22.51
N SER A 46 -16.39 -17.16 -22.74
CA SER A 46 -17.08 -16.72 -23.95
C SER A 46 -17.19 -15.20 -23.97
N GLU A 47 -17.51 -14.60 -22.82
CA GLU A 47 -17.64 -13.15 -22.79
C GLU A 47 -16.28 -12.46 -22.80
N ASP A 48 -15.22 -13.15 -22.37
CA ASP A 48 -13.89 -12.57 -22.40
C ASP A 48 -13.41 -12.37 -23.84
N PHE A 49 -13.64 -13.36 -24.71
CA PHE A 49 -13.48 -13.12 -26.15
C PHE A 49 -14.34 -11.94 -26.61
N GLY A 50 -15.46 -11.68 -25.94
CA GLY A 50 -16.24 -10.51 -26.29
C GLY A 50 -15.52 -9.23 -25.91
N ARG A 51 -14.99 -9.18 -24.69
CA ARG A 51 -14.21 -8.04 -24.25
C ARG A 51 -13.01 -7.78 -25.16
N VAL A 52 -12.43 -8.84 -25.74
CA VAL A 52 -11.23 -8.68 -26.55
C VAL A 52 -11.59 -8.31 -27.99
N SER A 53 -12.53 -9.04 -28.58
CA SER A 53 -12.72 -8.98 -30.02
C SER A 53 -13.95 -8.18 -30.44
N GLY A 54 -14.91 -7.97 -29.53
CA GLY A 54 -16.19 -7.38 -29.86
C GLY A 54 -17.34 -8.35 -29.97
N THR A 55 -17.08 -9.62 -30.29
CA THR A 55 -18.10 -10.66 -30.28
C THR A 55 -17.72 -11.81 -29.34
N ASN A 56 -18.72 -12.33 -28.64
CA ASN A 56 -18.50 -13.39 -27.68
C ASN A 56 -18.11 -14.68 -28.41
N ALA A 57 -17.34 -15.51 -27.73
CA ALA A 57 -16.99 -16.79 -28.33
C ALA A 57 -18.22 -17.67 -28.27
N PRO A 58 -18.73 -18.16 -29.39
CA PRO A 58 -19.89 -19.08 -29.33
C PRO A 58 -19.58 -20.26 -28.44
N LEU A 59 -20.50 -20.56 -27.53
CA LEU A 59 -20.36 -21.70 -26.61
C LEU A 59 -21.29 -22.81 -27.07
N ILE A 60 -20.72 -23.91 -27.56
CA ILE A 60 -21.51 -24.95 -28.23
C ILE A 60 -21.35 -26.29 -27.51
N PHE A 61 -22.24 -27.22 -27.87
CA PHE A 61 -22.40 -28.51 -27.21
C PHE A 61 -22.14 -29.70 -28.14
N LEU A 62 -21.79 -29.44 -29.39
CA LEU A 62 -21.54 -30.42 -30.42
C LEU A 62 -20.36 -29.96 -31.25
N PRO A 63 -19.49 -30.87 -31.68
CA PRO A 63 -18.40 -30.47 -32.59
C PRO A 63 -18.85 -30.01 -33.97
N ASP A 64 -19.54 -28.86 -34.07
CA ASP A 64 -19.97 -28.38 -35.39
C ASP A 64 -18.81 -27.83 -36.21
N ASN A 65 -17.83 -27.20 -35.56
CA ASN A 65 -16.81 -26.42 -36.23
C ASN A 65 -15.56 -27.26 -36.50
N GLU A 66 -14.81 -26.85 -37.53
CA GLU A 66 -13.59 -27.57 -37.91
C GLU A 66 -12.47 -27.39 -36.91
N ARG A 67 -12.49 -26.30 -36.14
CA ARG A 67 -11.53 -26.11 -35.06
C ARG A 67 -12.25 -25.56 -33.84
N LEU A 68 -11.73 -25.92 -32.66
CA LEU A 68 -12.49 -25.78 -31.44
C LEU A 68 -11.54 -25.59 -30.26
N ILE A 69 -12.06 -24.92 -29.24
CA ILE A 69 -11.47 -24.92 -27.90
C ILE A 69 -12.34 -25.84 -27.07
N ILE A 70 -11.78 -26.97 -26.65
CA ILE A 70 -12.52 -28.00 -25.95
C ILE A 70 -12.15 -27.97 -24.48
N VAL A 71 -13.15 -27.69 -23.64
CA VAL A 71 -12.99 -27.53 -22.19
C VAL A 71 -13.82 -28.61 -21.49
N GLY A 72 -13.39 -28.97 -20.29
CA GLY A 72 -14.21 -29.81 -19.43
C GLY A 72 -13.37 -30.52 -18.38
N THR A 73 -14.08 -31.23 -17.51
CA THR A 73 -13.44 -32.08 -16.51
C THR A 73 -13.14 -33.46 -17.09
N LEU A 74 -12.38 -34.24 -16.33
CA LEU A 74 -12.06 -35.59 -16.77
C LEU A 74 -13.30 -36.43 -17.02
N GLU A 75 -14.43 -36.07 -16.40
CA GLU A 75 -15.62 -36.90 -16.46
C GLU A 75 -16.61 -36.45 -17.54
N SER A 76 -16.46 -35.26 -18.10
CA SER A 76 -17.32 -34.80 -19.17
C SER A 76 -17.08 -35.61 -20.45
N ARG A 77 -18.10 -35.64 -21.32
CA ARG A 77 -18.12 -36.62 -22.39
C ARG A 77 -16.99 -36.41 -23.39
N TYR A 78 -16.68 -35.17 -23.71
CA TYR A 78 -15.68 -34.94 -24.76
C TYR A 78 -14.27 -35.15 -24.23
N ILE A 79 -13.97 -34.62 -23.04
CA ILE A 79 -12.67 -34.91 -22.42
C ILE A 79 -12.52 -36.42 -22.20
N LYS A 80 -13.54 -37.05 -21.64
CA LYS A 80 -13.49 -38.50 -21.44
C LYS A 80 -13.16 -39.21 -22.74
N GLU A 81 -13.72 -38.74 -23.86
CA GLU A 81 -13.45 -39.38 -25.14
C GLU A 81 -12.03 -39.15 -25.59
N LEU A 82 -11.43 -38.02 -25.19
CA LEU A 82 -10.07 -37.70 -25.59
C LEU A 82 -9.06 -38.53 -24.82
N THR A 83 -9.23 -38.67 -23.50
CA THR A 83 -8.26 -39.45 -22.75
C THR A 83 -8.32 -40.93 -23.14
N GLU A 84 -9.52 -41.44 -23.47
CA GLU A 84 -9.65 -42.85 -23.84
C GLU A 84 -8.97 -43.16 -25.17
N ASN A 85 -9.06 -42.25 -26.14
CA ASN A 85 -8.35 -42.41 -27.40
C ASN A 85 -6.90 -41.97 -27.30
N ARG A 86 -6.37 -41.79 -26.09
CA ARG A 86 -4.98 -41.38 -25.86
C ARG A 86 -4.60 -40.13 -26.67
N LYS A 87 -5.58 -39.30 -27.05
CA LYS A 87 -5.27 -38.00 -27.63
C LYS A 87 -4.67 -37.04 -26.61
N ILE A 88 -4.87 -37.30 -25.32
CA ILE A 88 -4.43 -36.46 -24.22
C ILE A 88 -3.90 -37.37 -23.12
N LYS A 89 -2.88 -36.90 -22.39
CA LYS A 89 -2.26 -37.71 -21.36
C LYS A 89 -3.10 -37.61 -20.08
N GLY A 90 -4.18 -38.40 -20.06
CA GLY A 90 -5.06 -38.41 -18.90
C GLY A 90 -4.39 -38.89 -17.64
N ASP A 91 -3.34 -39.72 -17.77
CA ASP A 91 -2.61 -40.17 -16.59
C ASP A 91 -2.04 -39.00 -15.81
N GLU A 92 -1.79 -37.88 -16.49
CA GLU A 92 -1.26 -36.67 -15.87
C GLU A 92 -2.31 -35.88 -15.12
N LEU A 93 -3.58 -36.30 -15.17
CA LEU A 93 -4.66 -35.60 -14.47
C LEU A 93 -5.44 -36.48 -13.50
N LYS A 94 -5.58 -37.79 -13.77
CA LYS A 94 -6.38 -38.65 -12.90
C LYS A 94 -5.74 -38.71 -11.52
N GLY A 95 -6.51 -38.35 -10.49
CA GLY A 95 -6.04 -38.28 -9.12
C GLY A 95 -5.48 -36.94 -8.70
N LYS A 96 -5.08 -36.10 -9.64
CA LYS A 96 -4.43 -34.85 -9.29
C LYS A 96 -5.42 -33.83 -8.74
N ASN A 97 -4.92 -32.90 -7.92
CA ASN A 97 -5.74 -31.88 -7.28
C ASN A 97 -5.69 -30.57 -8.06
N GLU A 98 -6.85 -30.11 -8.53
CA GLU A 98 -7.03 -28.77 -9.11
C GLU A 98 -6.02 -28.47 -10.22
N LYS A 99 -5.77 -29.45 -11.09
CA LYS A 99 -4.78 -29.33 -12.15
C LYS A 99 -5.49 -29.25 -13.50
N TYR A 100 -4.98 -28.42 -14.40
CA TYR A 100 -5.47 -28.44 -15.77
C TYR A 100 -4.37 -28.90 -16.72
N LEU A 101 -4.79 -29.32 -17.90
CA LEU A 101 -3.90 -29.63 -19.02
C LEU A 101 -4.36 -28.84 -20.23
N MET A 102 -3.47 -28.01 -20.78
CA MET A 102 -3.77 -27.18 -21.94
C MET A 102 -2.82 -27.55 -23.04
N THR A 103 -3.34 -28.08 -24.14
CA THR A 103 -2.46 -28.50 -25.23
C THR A 103 -3.25 -28.58 -26.53
N VAL A 104 -2.61 -28.13 -27.60
CA VAL A 104 -3.14 -28.27 -28.95
C VAL A 104 -3.00 -29.70 -29.42
N VAL A 105 -4.01 -30.22 -30.08
CA VAL A 105 -3.97 -31.57 -30.62
C VAL A 105 -4.69 -31.59 -31.96
N ASP A 106 -4.11 -32.32 -32.91
CA ASP A 106 -4.70 -32.45 -34.24
C ASP A 106 -5.72 -33.56 -34.24
N ASN A 107 -6.76 -33.40 -35.04
CA ASN A 107 -7.83 -34.38 -35.20
C ASN A 107 -8.23 -34.97 -33.85
N PRO A 108 -8.76 -34.15 -32.93
CA PRO A 108 -9.18 -34.67 -31.62
C PRO A 108 -10.35 -35.61 -31.76
N LEU A 109 -11.41 -35.11 -32.39
CA LEU A 109 -12.61 -35.87 -32.70
C LEU A 109 -12.84 -35.87 -34.20
N PRO A 110 -13.58 -36.85 -34.72
CA PRO A 110 -13.96 -36.80 -36.14
C PRO A 110 -14.73 -35.52 -36.44
N GLY A 111 -14.41 -34.92 -37.60
CA GLY A 111 -14.99 -33.65 -38.01
C GLY A 111 -14.34 -32.42 -37.41
N VAL A 112 -13.41 -32.58 -36.48
CA VAL A 112 -12.62 -31.49 -35.91
C VAL A 112 -11.17 -31.69 -36.33
N LYS A 113 -10.63 -30.75 -37.11
CA LYS A 113 -9.28 -30.91 -37.63
C LYS A 113 -8.21 -30.51 -36.63
N GLU A 114 -8.57 -29.79 -35.57
CA GLU A 114 -7.54 -29.17 -34.76
C GLU A 114 -8.17 -28.41 -33.61
N ALA A 115 -7.74 -28.66 -32.38
CA ALA A 115 -8.40 -28.02 -31.25
C ALA A 115 -7.41 -27.74 -30.14
N LEU A 116 -7.66 -26.66 -29.40
CA LEU A 116 -6.99 -26.45 -28.14
C LEU A 116 -7.81 -27.12 -27.04
N ILE A 117 -7.18 -27.99 -26.25
CA ILE A 117 -7.84 -28.75 -25.19
C ILE A 117 -7.49 -28.14 -23.84
N ILE A 118 -8.51 -27.94 -23.01
CA ILE A 118 -8.31 -27.53 -21.61
C ILE A 118 -9.05 -28.55 -20.75
N ALA A 119 -8.32 -29.49 -20.19
CA ALA A 119 -8.88 -30.56 -19.38
C ALA A 119 -8.47 -30.38 -17.93
N GLY A 120 -9.45 -30.39 -17.02
CA GLY A 120 -9.20 -30.27 -15.60
C GLY A 120 -9.26 -31.60 -14.89
N SER A 121 -8.40 -31.76 -13.87
CA SER A 121 -8.47 -32.95 -13.03
C SER A 121 -9.75 -33.00 -12.21
N ASP A 122 -10.34 -31.85 -11.93
CA ASP A 122 -11.59 -31.77 -11.18
C ASP A 122 -12.27 -30.46 -11.57
N LYS A 123 -13.33 -30.12 -10.84
CA LYS A 123 -14.07 -28.88 -11.07
C LYS A 123 -13.12 -27.67 -11.11
N ARG A 124 -12.41 -27.43 -10.02
CA ARG A 124 -11.64 -26.20 -9.96
C ARG A 124 -10.48 -26.22 -10.94
N GLY A 125 -9.87 -27.39 -11.17
CA GLY A 125 -8.82 -27.48 -12.17
C GLY A 125 -9.29 -27.12 -13.57
N ALA A 126 -10.54 -27.47 -13.90
CA ALA A 126 -11.10 -27.05 -15.18
C ALA A 126 -11.28 -25.53 -15.21
N ILE A 127 -11.86 -24.98 -14.13
CA ILE A 127 -12.06 -23.54 -14.05
C ILE A 127 -10.72 -22.81 -14.20
N TYR A 128 -9.70 -23.29 -13.50
CA TYR A 128 -8.41 -22.63 -13.58
C TYR A 128 -7.85 -22.64 -15.00
N GLY A 129 -7.93 -23.77 -15.68
CA GLY A 129 -7.45 -23.82 -17.06
C GLY A 129 -8.19 -22.85 -17.96
N ILE A 130 -9.51 -22.74 -17.77
CA ILE A 130 -10.29 -21.78 -18.55
C ILE A 130 -9.80 -20.36 -18.30
N TYR A 131 -9.61 -20.00 -17.03
CA TYR A 131 -9.18 -18.64 -16.73
C TYR A 131 -7.73 -18.41 -17.12
N GLU A 132 -6.91 -19.48 -17.18
CA GLU A 132 -5.59 -19.33 -17.78
C GLU A 132 -5.71 -18.84 -19.20
N LEU A 133 -6.66 -19.38 -19.98
CA LEU A 133 -6.83 -18.87 -21.33
C LEU A 133 -7.34 -17.44 -21.31
N SER A 134 -8.33 -17.17 -20.44
CA SER A 134 -8.80 -15.80 -20.22
C SER A 134 -7.64 -14.82 -20.10
N GLU A 135 -6.64 -15.15 -19.28
CA GLU A 135 -5.49 -14.26 -19.16
C GLU A 135 -4.70 -14.22 -20.47
N GLN A 136 -4.51 -15.38 -21.10
CA GLN A 136 -3.75 -15.44 -22.35
C GLN A 136 -4.28 -14.44 -23.37
N ILE A 137 -5.61 -14.29 -23.44
CA ILE A 137 -6.18 -13.44 -24.49
C ILE A 137 -6.24 -12.00 -24.01
N GLY A 138 -5.95 -11.75 -22.74
CA GLY A 138 -5.73 -10.42 -22.25
C GLY A 138 -6.70 -9.89 -21.21
N VAL A 139 -7.49 -10.77 -20.56
CA VAL A 139 -8.42 -10.34 -19.52
C VAL A 139 -7.76 -10.59 -18.18
N SER A 140 -7.35 -9.52 -17.52
CA SER A 140 -6.77 -9.61 -16.20
C SER A 140 -7.80 -10.08 -15.18
N PRO A 141 -7.39 -10.86 -14.19
CA PRO A 141 -8.31 -11.16 -13.08
C PRO A 141 -8.88 -9.89 -12.48
N TRP A 142 -8.16 -8.77 -12.64
CA TRP A 142 -8.59 -7.49 -12.10
C TRP A 142 -9.43 -6.65 -13.10
N TYR A 143 -9.97 -7.24 -14.18
CA TYR A 143 -10.66 -6.45 -15.20
C TYR A 143 -11.88 -5.76 -14.62
N ASP A 144 -12.50 -6.35 -13.60
CA ASP A 144 -13.65 -5.77 -12.91
C ASP A 144 -13.26 -5.11 -11.60
N TRP A 145 -12.59 -5.84 -10.70
CA TRP A 145 -12.31 -5.33 -9.35
C TRP A 145 -11.21 -4.28 -9.32
N ALA A 146 -10.50 -4.05 -10.42
CA ALA A 146 -9.75 -2.80 -10.43
C ALA A 146 -9.77 -2.14 -11.81
N ASP A 147 -10.79 -2.43 -12.63
CA ASP A 147 -11.05 -1.73 -13.89
C ASP A 147 -9.89 -1.84 -14.88
N VAL A 148 -9.18 -2.96 -14.86
CA VAL A 148 -8.03 -3.10 -15.76
C VAL A 148 -8.55 -3.34 -17.17
N PRO A 149 -8.27 -2.45 -18.11
CA PRO A 149 -8.85 -2.56 -19.45
C PRO A 149 -8.29 -3.75 -20.21
N VAL A 150 -9.07 -4.21 -21.19
CA VAL A 150 -8.72 -5.34 -22.05
C VAL A 150 -8.25 -4.78 -23.38
N LYS A 151 -7.05 -5.16 -23.78
CA LYS A 151 -6.51 -4.69 -25.05
C LYS A 151 -7.30 -5.33 -26.18
N PRO A 152 -7.98 -4.55 -27.02
CA PRO A 152 -8.73 -5.15 -28.12
C PRO A 152 -7.79 -5.84 -29.12
N GLN A 153 -8.27 -6.94 -29.70
CA GLN A 153 -7.48 -7.73 -30.63
C GLN A 153 -8.33 -8.17 -31.80
N GLN A 154 -7.68 -8.36 -32.95
CA GLN A 154 -8.34 -8.92 -34.10
C GLN A 154 -7.92 -10.34 -34.43
N ASN A 155 -6.70 -10.74 -34.05
CA ASN A 155 -6.20 -12.10 -34.25
C ASN A 155 -5.36 -12.53 -33.07
N LEU A 156 -5.52 -13.79 -32.66
CA LEU A 156 -4.74 -14.38 -31.58
C LEU A 156 -4.45 -15.83 -31.93
N SER A 157 -3.20 -16.25 -31.75
CA SER A 157 -2.81 -17.64 -31.93
C SER A 157 -2.00 -18.05 -30.72
N ILE A 158 -1.97 -19.35 -30.46
CA ILE A 158 -1.31 -19.86 -29.26
C ILE A 158 -0.36 -20.98 -29.65
N GLU A 159 0.79 -20.98 -28.99
CA GLU A 159 1.87 -21.90 -29.31
C GLU A 159 1.45 -23.33 -28.98
N ARG A 160 1.92 -24.27 -29.79
CA ARG A 160 1.64 -25.65 -29.48
C ARG A 160 2.50 -26.11 -28.31
N GLY A 161 2.21 -27.30 -27.81
CA GLY A 161 2.83 -27.81 -26.61
C GLY A 161 1.80 -28.05 -25.53
N SER A 162 2.28 -28.70 -24.47
CA SER A 162 1.45 -29.06 -23.32
C SER A 162 1.78 -28.15 -22.14
N TYR A 163 0.73 -27.54 -21.56
CA TYR A 163 0.87 -26.47 -20.58
C TYR A 163 0.07 -26.80 -19.32
N THR A 164 0.65 -26.49 -18.17
CA THR A 164 0.00 -26.80 -16.89
C THR A 164 0.52 -25.84 -15.82
N ALA A 165 -0.23 -25.76 -14.73
CA ALA A 165 0.26 -25.18 -13.49
C ALA A 165 0.56 -26.23 -12.44
N ASP A 166 0.35 -27.51 -12.76
CA ASP A 166 0.49 -28.61 -11.80
C ASP A 166 -0.50 -28.51 -10.64
N GLU A 167 -0.18 -29.10 -9.50
CA GLU A 167 -1.18 -28.92 -8.43
C GLU A 167 -0.74 -27.83 -7.47
N PRO A 168 -1.67 -27.18 -6.77
CA PRO A 168 -1.28 -26.16 -5.80
C PRO A 168 -0.57 -26.76 -4.60
N ALA A 169 0.35 -25.98 -4.03
CA ALA A 169 1.07 -26.45 -2.85
C ALA A 169 0.27 -26.29 -1.58
N VAL A 170 -0.72 -25.41 -1.57
CA VAL A 170 -1.56 -25.20 -0.40
C VAL A 170 -2.98 -25.58 -0.77
N THR A 171 -3.60 -26.42 0.07
CA THR A 171 -4.90 -27.00 -0.27
C THR A 171 -6.00 -25.97 -0.32
N TYR A 172 -6.05 -25.07 0.67
CA TYR A 172 -7.04 -24.01 0.73
C TYR A 172 -6.31 -22.67 0.72
N ARG A 173 -6.73 -21.78 -0.18
CA ARG A 173 -6.03 -20.52 -0.43
C ARG A 173 -7.08 -19.45 -0.67
N GLY A 174 -7.18 -18.47 0.22
CA GLY A 174 -8.27 -17.52 0.11
C GLY A 174 -8.11 -16.30 0.99
N ILE A 175 -9.23 -15.60 1.19
CA ILE A 175 -9.22 -14.29 1.80
C ILE A 175 -10.34 -14.19 2.83
N PHE A 176 -10.16 -13.27 3.77
CA PHE A 176 -11.14 -12.94 4.78
C PHE A 176 -11.55 -11.48 4.58
N LEU A 177 -12.83 -11.25 4.29
CA LEU A 177 -13.39 -9.90 4.28
C LEU A 177 -13.66 -9.50 5.73
N ASN A 178 -12.94 -8.50 6.21
CA ASN A 178 -12.98 -8.15 7.62
C ASN A 178 -12.69 -6.67 7.74
N ASP A 179 -12.89 -6.13 8.94
CA ASP A 179 -12.78 -4.70 9.15
C ASP A 179 -13.65 -3.93 8.14
N GLU A 180 -14.77 -4.52 7.74
CA GLU A 180 -15.46 -4.09 6.53
C GLU A 180 -16.39 -2.89 6.72
N ALA A 181 -16.47 -2.31 7.93
CA ALA A 181 -17.20 -1.04 7.94
C ALA A 181 -16.23 0.10 8.18
N PRO A 182 -16.49 1.29 7.61
CA PRO A 182 -17.64 1.68 6.81
C PRO A 182 -17.49 1.43 5.30
N ALA A 183 -16.30 1.05 4.84
CA ALA A 183 -16.03 1.02 3.41
C ALA A 183 -16.83 -0.03 2.64
N LEU A 184 -16.47 -1.30 2.79
CA LEU A 184 -17.15 -2.32 2.00
C LEU A 184 -18.67 -2.28 2.24
N THR A 185 -19.10 -1.98 3.47
CA THR A 185 -20.53 -1.92 3.74
C THR A 185 -21.19 -0.81 2.94
N SER A 186 -20.58 0.39 2.93
CA SER A 186 -21.12 1.49 2.12
C SER A 186 -21.18 1.12 0.66
N TRP A 187 -20.14 0.47 0.16
CA TRP A 187 -20.10 0.20 -1.27
C TRP A 187 -21.14 -0.84 -1.65
N VAL A 188 -21.34 -1.85 -0.80
CA VAL A 188 -22.35 -2.86 -1.08
C VAL A 188 -23.74 -2.26 -1.06
N GLU A 189 -23.98 -1.35 -0.11
CA GLU A 189 -25.27 -0.67 -0.06
C GLU A 189 -25.49 0.20 -1.29
N ASN A 190 -24.51 1.04 -1.62
CA ASN A 190 -24.64 1.92 -2.80
C ASN A 190 -24.82 1.11 -4.07
N THR A 191 -24.17 -0.04 -4.16
CA THR A 191 -24.16 -0.79 -5.41
C THR A 191 -25.36 -1.72 -5.53
N TYR A 192 -25.73 -2.41 -4.44
CA TYR A 192 -26.77 -3.43 -4.47
C TYR A 192 -28.02 -3.12 -3.64
N GLY A 193 -28.07 -1.98 -2.95
CA GLY A 193 -29.23 -1.66 -2.15
C GLY A 193 -29.42 -2.53 -0.90
N THR A 194 -28.40 -3.28 -0.49
CA THR A 194 -28.53 -4.26 0.57
C THR A 194 -27.68 -3.87 1.78
N LYS A 195 -28.27 -3.92 2.97
CA LYS A 195 -27.52 -3.71 4.20
C LYS A 195 -26.97 -5.06 4.66
N TYR A 196 -26.66 -5.89 3.68
CA TYR A 196 -26.02 -7.19 3.90
C TYR A 196 -25.37 -7.57 2.58
N GLY A 197 -24.46 -8.52 2.66
CA GLY A 197 -23.89 -9.12 1.47
C GLY A 197 -24.74 -10.24 0.92
N ASP A 198 -25.41 -10.02 -0.23
CA ASP A 198 -26.26 -11.03 -0.85
C ASP A 198 -25.52 -11.74 -1.97
N HIS A 199 -26.22 -12.66 -2.63
CA HIS A 199 -25.54 -13.56 -3.57
C HIS A 199 -25.10 -12.85 -4.85
N ARG A 200 -25.67 -11.69 -5.19
CA ARG A 200 -25.13 -10.92 -6.31
C ARG A 200 -23.74 -10.43 -5.97
N PHE A 201 -23.59 -9.80 -4.79
CA PHE A 201 -22.28 -9.38 -4.32
C PHE A 201 -21.32 -10.55 -4.18
N TYR A 202 -21.76 -11.67 -3.60
CA TYR A 202 -20.77 -12.72 -3.32
C TYR A 202 -20.32 -13.42 -4.58
N SER A 203 -21.21 -13.58 -5.57
CA SER A 203 -20.75 -14.24 -6.77
C SER A 203 -19.66 -13.42 -7.43
N ARG A 204 -19.77 -12.10 -7.35
CA ARG A 204 -18.75 -11.22 -7.89
C ARG A 204 -17.42 -11.34 -7.14
N VAL A 205 -17.48 -11.60 -5.82
CA VAL A 205 -16.27 -11.92 -5.06
C VAL A 205 -15.74 -13.29 -5.48
N PHE A 206 -16.63 -14.26 -5.76
CA PHE A 206 -16.19 -15.60 -6.13
C PHE A 206 -15.43 -15.61 -7.45
N GLU A 207 -15.97 -14.92 -8.47
CA GLU A 207 -15.29 -14.92 -9.77
C GLU A 207 -13.87 -14.39 -9.62
N LEU A 208 -13.70 -13.30 -8.86
CA LEU A 208 -12.35 -12.80 -8.60
C LEU A 208 -11.46 -13.87 -7.98
N ILE A 209 -11.88 -14.43 -6.84
CA ILE A 209 -11.01 -15.41 -6.16
C ILE A 209 -10.61 -16.53 -7.12
N LEU A 210 -11.56 -17.00 -7.95
CA LEU A 210 -11.27 -18.05 -8.92
C LEU A 210 -10.34 -17.58 -10.03
N ARG A 211 -10.56 -16.39 -10.59
CA ARG A 211 -9.64 -15.91 -11.62
C ARG A 211 -8.22 -15.78 -11.07
N LEU A 212 -8.10 -15.50 -9.76
CA LEU A 212 -6.81 -15.39 -9.09
C LEU A 212 -6.24 -16.75 -8.70
N ARG A 213 -7.00 -17.83 -8.89
CA ARG A 213 -6.61 -19.22 -8.64
C ARG A 213 -6.68 -19.59 -7.16
N GLY A 214 -7.43 -18.83 -6.35
CA GLY A 214 -7.76 -19.27 -5.00
C GLY A 214 -9.05 -20.07 -4.97
N ASN A 215 -9.35 -20.63 -3.78
CA ASN A 215 -10.57 -21.41 -3.63
C ASN A 215 -11.32 -21.16 -2.33
N PHE A 216 -10.92 -20.18 -1.51
CA PHE A 216 -11.38 -20.11 -0.12
C PHE A 216 -11.85 -18.71 0.25
N LEU A 217 -12.84 -18.65 1.13
CA LEU A 217 -13.34 -17.38 1.63
C LEU A 217 -13.86 -17.52 3.06
N TRP A 218 -13.48 -16.58 3.93
CA TRP A 218 -14.25 -16.27 5.13
C TRP A 218 -15.08 -15.05 4.81
N PRO A 219 -16.40 -15.14 4.77
CA PRO A 219 -17.22 -13.98 4.39
C PRO A 219 -17.15 -12.88 5.44
N ALA A 220 -17.77 -11.74 5.14
CA ALA A 220 -17.82 -10.66 6.11
C ALA A 220 -18.76 -11.04 7.25
N MET A 221 -18.37 -10.70 8.49
CA MET A 221 -19.12 -11.17 9.65
C MET A 221 -19.30 -10.11 10.75
N TRP A 222 -18.98 -8.85 10.48
CA TRP A 222 -19.20 -7.81 11.49
C TRP A 222 -20.69 -7.61 11.77
N ASP A 223 -21.48 -7.34 10.73
CA ASP A 223 -22.92 -7.16 10.86
C ASP A 223 -23.71 -8.04 9.93
N TRP A 224 -23.06 -8.97 9.24
CA TRP A 224 -23.70 -9.81 8.26
C TRP A 224 -23.60 -11.26 8.68
N SER A 225 -24.45 -12.09 8.09
CA SER A 225 -24.35 -13.54 8.21
C SER A 225 -24.37 -14.14 6.81
N PHE A 226 -23.20 -14.55 6.31
CA PHE A 226 -23.11 -15.11 4.96
C PHE A 226 -24.11 -16.23 4.74
N TYR A 227 -24.27 -17.13 5.71
CA TYR A 227 -25.19 -18.26 5.53
C TYR A 227 -26.65 -17.88 5.75
N GLY A 228 -26.93 -16.90 6.61
CA GLY A 228 -28.31 -16.60 6.98
C GLY A 228 -28.98 -15.49 6.19
N ASP A 229 -28.19 -14.53 5.71
CA ASP A 229 -28.77 -13.37 5.05
C ASP A 229 -29.27 -13.71 3.65
N ASP A 230 -28.74 -14.75 3.02
CA ASP A 230 -29.19 -15.11 1.68
C ASP A 230 -28.97 -16.58 1.38
N PRO A 231 -30.05 -17.32 1.12
CA PRO A 231 -29.91 -18.77 0.88
C PRO A 231 -29.14 -19.10 -0.38
N LEU A 232 -29.02 -18.18 -1.33
CA LEU A 232 -28.18 -18.44 -2.49
C LEU A 232 -26.70 -18.23 -2.20
N ASN A 233 -26.34 -17.61 -1.08
CA ASN A 233 -24.92 -17.41 -0.78
C ASN A 233 -24.19 -18.74 -0.71
N SER A 234 -24.65 -19.65 0.14
CA SER A 234 -24.00 -20.95 0.21
C SER A 234 -24.15 -21.69 -1.12
N LYS A 235 -25.35 -21.66 -1.71
CA LYS A 235 -25.59 -22.40 -2.93
C LYS A 235 -24.71 -21.90 -4.08
N THR A 236 -24.55 -20.59 -4.18
CA THR A 236 -23.73 -20.04 -5.26
C THR A 236 -22.27 -20.42 -5.07
N ALA A 237 -21.74 -20.24 -3.86
CA ALA A 237 -20.37 -20.66 -3.58
C ALA A 237 -20.18 -22.13 -3.92
N ASP A 238 -21.12 -22.98 -3.51
CA ASP A 238 -21.02 -24.41 -3.78
C ASP A 238 -21.01 -24.67 -5.29
N THR A 239 -21.91 -24.02 -6.03
CA THR A 239 -21.94 -24.20 -7.48
C THR A 239 -20.66 -23.68 -8.13
N MET A 240 -20.27 -22.44 -7.82
CA MET A 240 -19.14 -21.86 -8.51
C MET A 240 -17.82 -22.52 -8.13
N GLY A 241 -17.75 -23.12 -6.95
CA GLY A 241 -16.55 -23.82 -6.53
C GLY A 241 -15.69 -23.13 -5.50
N ILE A 242 -16.26 -22.24 -4.68
CA ILE A 242 -15.57 -21.65 -3.54
C ILE A 242 -15.84 -22.48 -2.29
N ILE A 243 -14.78 -22.74 -1.52
CA ILE A 243 -14.88 -23.36 -0.20
C ILE A 243 -15.10 -22.25 0.83
N MET A 244 -16.25 -22.26 1.49
CA MET A 244 -16.54 -21.28 2.52
C MET A 244 -16.01 -21.74 3.87
N GLY A 245 -15.55 -20.77 4.67
CA GLY A 245 -15.21 -21.01 6.05
C GLY A 245 -15.80 -19.96 6.97
N THR A 246 -15.39 -20.03 8.24
CA THR A 246 -15.71 -19.02 9.25
C THR A 246 -14.47 -18.80 10.10
N SER A 247 -14.45 -17.65 10.78
CA SER A 247 -13.29 -17.23 11.52
C SER A 247 -13.13 -18.08 12.79
N HIS A 248 -12.10 -17.73 13.56
CA HIS A 248 -11.61 -18.61 14.61
C HIS A 248 -12.61 -18.79 15.74
N HIS A 249 -13.50 -17.82 15.95
CA HIS A 249 -14.50 -17.88 17.01
C HIS A 249 -15.91 -18.08 16.47
N GLU A 250 -16.04 -18.68 15.29
CA GLU A 250 -17.33 -18.97 14.66
C GLU A 250 -17.39 -20.47 14.40
N PRO A 251 -17.62 -21.27 15.43
CA PRO A 251 -17.66 -22.72 15.26
C PRO A 251 -18.92 -23.20 14.57
N MET A 252 -18.74 -24.26 13.77
CA MET A 252 -19.84 -25.11 13.32
C MET A 252 -20.71 -24.38 12.30
N ALA A 253 -20.08 -23.69 11.35
CA ALA A 253 -20.79 -23.11 10.21
C ALA A 253 -21.91 -22.18 10.65
N ARG A 254 -21.77 -21.56 11.82
CA ARG A 254 -22.65 -20.48 12.23
C ARG A 254 -21.87 -19.17 12.19
N ASN A 255 -22.43 -18.17 11.53
CA ASN A 255 -21.82 -16.84 11.54
C ASN A 255 -22.15 -16.17 12.87
N HIS A 256 -21.18 -15.41 13.39
CA HIS A 256 -21.32 -14.83 14.72
C HIS A 256 -22.63 -14.06 14.88
N GLN A 257 -23.00 -13.27 13.89
CA GLN A 257 -24.18 -12.43 14.05
C GLN A 257 -25.45 -13.24 14.18
N GLU A 258 -25.44 -14.50 13.74
CA GLU A 258 -26.61 -15.35 13.94
C GLU A 258 -26.90 -15.53 15.41
N TRP A 259 -25.85 -15.55 16.24
CA TRP A 259 -26.02 -15.56 17.68
C TRP A 259 -26.29 -14.16 18.23
N ALA A 260 -25.44 -13.19 17.88
CA ALA A 260 -25.58 -11.83 18.40
C ALA A 260 -26.98 -11.28 18.19
N ARG A 261 -27.46 -11.27 16.95
CA ARG A 261 -28.75 -10.69 16.62
C ARG A 261 -29.87 -11.15 17.54
N ASN A 262 -29.74 -12.32 18.16
CA ASN A 262 -30.78 -12.91 19.00
C ASN A 262 -30.23 -13.28 20.36
N ARG A 263 -29.43 -12.40 20.98
CA ARG A 263 -28.98 -12.62 22.34
C ARG A 263 -30.15 -12.75 23.31
N ASP A 264 -31.31 -12.16 22.96
CA ASP A 264 -32.49 -12.26 23.78
C ASP A 264 -33.10 -13.66 23.73
N LYS A 265 -33.37 -14.16 22.52
CA LYS A 265 -33.91 -15.51 22.36
C LYS A 265 -32.90 -16.57 22.81
N TYR A 266 -31.68 -16.51 22.27
CA TYR A 266 -30.62 -17.42 22.69
C TYR A 266 -30.12 -17.04 24.08
N GLY A 267 -29.27 -17.90 24.64
CA GLY A 267 -28.81 -17.74 26.02
C GLY A 267 -27.58 -16.88 26.24
N VAL A 268 -26.52 -17.49 26.79
CA VAL A 268 -25.35 -16.73 27.23
C VAL A 268 -24.07 -17.10 26.49
N TRP A 269 -24.00 -18.27 25.84
CA TRP A 269 -22.78 -18.76 25.17
C TRP A 269 -21.72 -19.15 26.21
N ASP A 270 -22.14 -20.00 27.15
CA ASP A 270 -21.28 -20.62 28.15
C ASP A 270 -21.59 -22.10 28.08
N TYR A 271 -20.66 -22.90 27.55
CA TYR A 271 -20.99 -24.27 27.17
C TYR A 271 -21.61 -25.05 28.32
N THR A 272 -21.01 -24.97 29.51
CA THR A 272 -21.53 -25.76 30.64
C THR A 272 -22.93 -25.28 31.06
N SER A 273 -23.14 -23.95 31.10
CA SER A 273 -24.42 -23.42 31.54
C SER A 273 -25.52 -23.67 30.52
N ASN A 274 -25.26 -23.31 29.25
CA ASN A 274 -26.27 -23.24 28.21
C ASN A 274 -26.13 -24.35 27.17
N GLN A 275 -25.66 -25.53 27.63
CA GLN A 275 -25.32 -26.60 26.72
C GLN A 275 -26.44 -26.91 25.72
N GLU A 276 -27.69 -26.95 26.19
CA GLU A 276 -28.76 -27.43 25.32
C GLU A 276 -28.89 -26.56 24.08
N VAL A 277 -29.07 -25.25 24.27
CA VAL A 277 -29.37 -24.39 23.13
C VAL A 277 -28.17 -24.24 22.22
N ILE A 278 -26.95 -24.27 22.78
CA ILE A 278 -25.74 -24.10 21.98
C ILE A 278 -25.51 -25.32 21.08
N ASP A 279 -25.74 -26.53 21.62
CA ASP A 279 -25.65 -27.72 20.79
C ASP A 279 -26.63 -27.65 19.62
N GLN A 280 -27.85 -27.14 19.86
CA GLN A 280 -28.81 -26.98 18.78
C GLN A 280 -28.34 -25.93 17.77
N PHE A 281 -27.76 -24.83 18.25
CA PHE A 281 -27.05 -23.90 17.39
C PHE A 281 -26.09 -24.64 16.47
N PHE A 282 -25.17 -25.42 17.07
CA PHE A 282 -24.15 -26.11 16.27
C PHE A 282 -24.80 -27.05 15.26
N ARG A 283 -25.83 -27.79 15.66
CA ARG A 283 -26.37 -28.83 14.80
C ARG A 283 -26.91 -28.25 13.49
N GLU A 284 -27.95 -27.41 13.57
CA GLU A 284 -28.50 -26.85 12.35
C GLU A 284 -27.44 -26.14 11.51
N GLY A 285 -26.34 -25.74 12.14
CA GLY A 285 -25.19 -25.27 11.39
C GLY A 285 -24.70 -26.31 10.41
N ILE A 286 -24.26 -27.46 10.92
CA ILE A 286 -23.79 -28.51 10.03
C ILE A 286 -24.90 -29.01 9.12
N GLU A 287 -26.15 -29.01 9.60
CA GLU A 287 -27.28 -29.36 8.75
C GLU A 287 -27.33 -28.49 7.51
N ARG A 288 -27.01 -27.21 7.66
CA ARG A 288 -27.17 -26.28 6.55
C ARG A 288 -26.12 -26.49 5.47
N VAL A 289 -24.92 -26.93 5.84
CA VAL A 289 -23.79 -26.99 4.92
C VAL A 289 -23.38 -28.40 4.55
N LYS A 290 -23.89 -29.43 5.22
CA LYS A 290 -23.70 -30.79 4.73
C LYS A 290 -23.97 -30.81 3.24
N ASP A 291 -23.30 -31.75 2.55
CA ASP A 291 -23.37 -31.86 1.09
C ASP A 291 -22.62 -30.73 0.37
N THR A 292 -22.03 -29.76 1.09
CA THR A 292 -21.02 -28.85 0.55
C THR A 292 -19.66 -29.18 1.15
N ASP A 293 -18.61 -28.61 0.55
CA ASP A 293 -17.24 -28.89 0.93
C ASP A 293 -16.67 -27.83 1.86
N ASP A 294 -17.54 -27.10 2.57
CA ASP A 294 -17.10 -26.02 3.43
C ASP A 294 -16.24 -26.54 4.58
N LEU A 295 -15.31 -25.70 5.04
CA LEU A 295 -14.50 -25.98 6.22
C LEU A 295 -15.29 -25.71 7.48
N ILE A 296 -15.23 -26.63 8.43
CA ILE A 296 -15.98 -26.52 9.66
C ILE A 296 -15.02 -26.11 10.77
N THR A 297 -15.13 -24.86 11.21
CA THR A 297 -14.43 -24.43 12.40
C THR A 297 -14.97 -25.18 13.61
N ILE A 298 -14.09 -25.86 14.34
CA ILE A 298 -14.46 -26.52 15.59
C ILE A 298 -13.72 -25.83 16.73
N GLY A 299 -14.14 -26.12 17.95
CA GLY A 299 -13.63 -25.47 19.13
C GLY A 299 -14.60 -24.47 19.73
N MET A 300 -14.08 -23.62 20.60
CA MET A 300 -14.92 -22.59 21.19
C MET A 300 -14.11 -21.60 22.00
N ARG A 301 -14.28 -20.32 21.70
CA ARG A 301 -13.63 -19.23 22.43
C ARG A 301 -14.70 -18.47 23.21
N GLY A 302 -14.77 -17.14 23.11
CA GLY A 302 -15.93 -16.38 23.53
C GLY A 302 -16.73 -15.91 22.32
N ASP A 303 -17.65 -14.97 22.57
CA ASP A 303 -18.36 -14.32 21.49
C ASP A 303 -18.03 -12.83 21.49
N GLY A 304 -17.72 -12.31 20.32
CA GLY A 304 -16.78 -11.22 20.19
C GLY A 304 -15.41 -11.77 19.86
N ASP A 305 -14.38 -10.95 20.12
CA ASP A 305 -13.01 -11.38 19.94
C ASP A 305 -12.31 -11.61 21.28
N THR A 306 -13.05 -12.15 22.27
CA THR A 306 -12.56 -12.41 23.61
C THR A 306 -12.49 -13.92 23.90
N PRO A 307 -11.66 -14.33 24.87
CA PRO A 307 -11.61 -15.76 25.24
C PRO A 307 -12.57 -16.10 26.37
N MET A 308 -12.24 -17.12 27.16
CA MET A 308 -13.10 -17.54 28.27
C MET A 308 -12.27 -18.02 29.46
N PRO A 320 -10.41 -21.46 38.48
CA PRO A 320 -11.16 -21.35 37.23
C PRO A 320 -10.65 -22.27 36.10
N SER A 321 -9.76 -21.76 35.25
CA SER A 321 -9.32 -22.53 34.08
C SER A 321 -8.19 -23.49 34.40
N ASP A 322 -7.32 -23.76 33.41
CA ASP A 322 -6.08 -24.51 33.59
C ASP A 322 -6.26 -26.00 33.30
N GLU A 323 -6.24 -26.83 34.33
CA GLU A 323 -6.28 -28.27 34.19
C GLU A 323 -7.64 -28.72 33.69
N ASP A 324 -8.67 -28.58 34.53
CA ASP A 324 -10.03 -29.02 34.20
C ASP A 324 -10.70 -28.11 33.18
N ASN A 325 -10.24 -26.87 33.02
CA ASN A 325 -10.76 -26.02 31.95
C ASN A 325 -10.32 -26.53 30.58
N MET A 326 -9.08 -27.03 30.50
CA MET A 326 -8.63 -27.68 29.27
C MET A 326 -9.49 -28.89 28.95
N ARG A 327 -10.05 -29.53 29.97
CA ARG A 327 -10.95 -30.65 29.76
C ARG A 327 -12.33 -30.20 29.29
N LEU A 328 -12.68 -28.92 29.50
CA LEU A 328 -13.91 -28.39 28.93
C LEU A 328 -13.82 -28.30 27.42
N LEU A 329 -12.70 -27.77 26.91
CA LEU A 329 -12.48 -27.68 25.47
C LEU A 329 -12.46 -29.07 24.83
N GLU A 330 -11.68 -29.99 25.40
CA GLU A 330 -11.70 -31.40 24.99
C GLU A 330 -13.13 -31.88 24.78
N ARG A 331 -13.96 -31.70 25.82
CA ARG A 331 -15.35 -32.18 25.74
C ARG A 331 -16.07 -31.51 24.59
N ILE A 332 -15.91 -30.18 24.47
CA ILE A 332 -16.62 -29.43 23.43
C ILE A 332 -16.32 -29.99 22.04
N ILE A 333 -15.05 -30.26 21.75
CA ILE A 333 -14.70 -30.85 20.46
C ILE A 333 -15.36 -32.20 20.29
N LYS A 334 -15.33 -33.03 21.35
CA LYS A 334 -15.87 -34.39 21.28
C LYS A 334 -17.30 -34.39 20.75
N ASN A 335 -18.20 -33.66 21.41
CA ASN A 335 -19.60 -33.68 21.01
C ASN A 335 -19.86 -32.79 19.80
N GLN A 336 -18.97 -31.85 19.49
CA GLN A 336 -19.04 -31.19 18.19
C GLN A 336 -18.92 -32.21 17.08
N ARG A 337 -18.10 -33.25 17.29
CA ARG A 337 -17.87 -34.22 16.23
C ARG A 337 -18.99 -35.26 16.13
N GLU A 338 -19.59 -35.67 17.26
CA GLU A 338 -20.75 -36.54 17.14
C GLU A 338 -21.91 -35.80 16.48
N ILE A 339 -22.01 -34.49 16.70
CA ILE A 339 -23.04 -33.70 15.99
C ILE A 339 -22.79 -33.74 14.49
N ILE A 340 -21.53 -33.58 14.09
CA ILE A 340 -21.20 -33.73 12.67
C ILE A 340 -21.54 -35.13 12.20
N GLY A 341 -21.21 -36.15 13.00
CA GLY A 341 -21.50 -37.52 12.62
C GLY A 341 -22.99 -37.78 12.46
N ASP A 342 -23.80 -37.33 13.42
CA ASP A 342 -25.24 -37.60 13.36
C ASP A 342 -25.90 -36.88 12.19
N VAL A 343 -25.34 -35.76 11.74
CA VAL A 343 -25.94 -35.00 10.65
C VAL A 343 -25.39 -35.44 9.30
N THR A 344 -24.07 -35.48 9.15
CA THR A 344 -23.47 -35.83 7.87
C THR A 344 -23.75 -37.27 7.47
N GLY A 345 -24.20 -38.10 8.40
CA GLY A 345 -24.37 -39.52 8.11
C GLY A 345 -23.09 -40.30 8.16
N GLU A 346 -22.06 -39.84 7.44
CA GLU A 346 -20.77 -40.49 7.51
C GLU A 346 -20.14 -40.23 8.87
N SER A 347 -18.92 -40.73 9.04
CA SER A 347 -18.17 -40.46 10.24
C SER A 347 -17.63 -39.03 10.21
N PRO A 348 -17.04 -38.55 11.31
CA PRO A 348 -16.62 -37.15 11.36
C PRO A 348 -15.38 -36.84 10.53
N GLU A 349 -14.44 -37.76 10.37
CA GLU A 349 -13.23 -37.43 9.61
C GLU A 349 -13.47 -37.31 8.10
N LYS A 350 -14.70 -37.48 7.63
CA LYS A 350 -15.04 -37.27 6.22
C LYS A 350 -15.48 -35.83 5.94
N THR A 351 -15.48 -34.99 6.98
CA THR A 351 -15.80 -33.57 6.86
C THR A 351 -14.59 -32.74 7.25
N PRO A 352 -14.06 -31.91 6.37
CA PRO A 352 -12.89 -31.09 6.71
C PRO A 352 -13.20 -30.13 7.85
N GLN A 353 -12.32 -30.12 8.84
CA GLN A 353 -12.50 -29.35 10.06
C GLN A 353 -11.22 -28.57 10.35
N VAL A 354 -11.38 -27.44 11.03
CA VAL A 354 -10.24 -26.60 11.36
C VAL A 354 -10.40 -26.07 12.78
N TRP A 355 -9.36 -26.23 13.57
CA TRP A 355 -9.31 -25.71 14.93
C TRP A 355 -8.24 -24.63 14.94
N ALA A 356 -8.66 -23.38 15.13
CA ALA A 356 -7.75 -22.24 15.21
C ALA A 356 -7.22 -22.11 16.63
N ILE A 357 -5.96 -21.70 16.76
CA ILE A 357 -5.34 -21.54 18.08
C ILE A 357 -5.07 -20.07 18.35
N TYR A 358 -5.27 -19.69 19.61
CA TYR A 358 -5.04 -18.34 20.10
C TYR A 358 -4.66 -18.43 21.57
N LYS A 359 -4.79 -17.32 22.29
CA LYS A 359 -4.51 -17.18 23.71
C LYS A 359 -4.36 -18.49 24.49
N GLU A 360 -5.38 -18.84 25.29
CA GLU A 360 -5.33 -19.95 26.26
C GLU A 360 -5.32 -21.32 25.59
N VAL A 361 -4.42 -21.53 24.64
CA VAL A 361 -4.49 -22.71 23.80
C VAL A 361 -3.07 -23.11 23.44
N GLN A 362 -2.26 -22.13 23.06
CA GLN A 362 -0.81 -22.33 23.05
C GLN A 362 -0.34 -22.87 24.39
N ARG A 363 -1.00 -22.44 25.48
CA ARG A 363 -0.70 -22.97 26.81
C ARG A 363 -1.29 -24.37 26.97
N TYR A 364 -2.52 -24.58 26.50
CA TYR A 364 -3.08 -25.93 26.42
C TYR A 364 -2.30 -26.80 25.45
N PHE A 365 -1.52 -26.19 24.57
CA PHE A 365 -0.71 -26.95 23.63
C PHE A 365 0.30 -27.85 24.35
N ASP A 366 1.09 -27.28 25.28
CA ASP A 366 2.23 -28.02 25.81
C ASP A 366 1.81 -29.35 26.43
N LEU A 367 0.78 -29.34 27.31
CA LEU A 367 0.38 -30.65 27.85
C LEU A 367 -0.29 -31.54 26.76
N GLY A 368 -0.20 -31.10 25.50
CA GLY A 368 -0.67 -31.89 24.38
C GLY A 368 -2.11 -31.68 23.99
N LEU A 369 -2.65 -30.47 24.16
CA LEU A 369 -3.97 -30.24 23.62
C LEU A 369 -3.86 -30.21 22.11
N ARG A 370 -4.11 -31.35 21.48
CA ARG A 370 -4.24 -31.42 20.04
C ARG A 370 -5.65 -31.88 19.71
N PRO A 371 -6.18 -31.49 18.55
CA PRO A 371 -7.49 -31.98 18.14
C PRO A 371 -7.39 -33.40 17.63
N PRO A 372 -8.48 -33.98 17.15
CA PRO A 372 -8.38 -35.22 16.37
C PRO A 372 -7.40 -35.08 15.21
N GLU A 373 -6.73 -36.18 14.88
CA GLU A 373 -5.61 -36.14 13.95
C GLU A 373 -5.99 -35.46 12.63
N ASP A 374 -7.22 -35.67 12.18
CA ASP A 374 -7.63 -35.27 10.84
C ASP A 374 -7.82 -33.76 10.70
N VAL A 375 -7.92 -33.04 11.83
CA VAL A 375 -8.31 -31.64 11.84
C VAL A 375 -7.13 -30.76 11.49
N ILE A 376 -7.40 -29.69 10.74
CA ILE A 376 -6.37 -28.70 10.43
C ILE A 376 -6.19 -27.78 11.62
N ILE A 377 -4.94 -27.51 11.98
CA ILE A 377 -4.63 -26.62 13.08
C ILE A 377 -4.25 -25.28 12.45
N LEU A 378 -5.06 -24.26 12.69
CA LEU A 378 -4.89 -22.97 12.03
C LEU A 378 -4.07 -22.09 12.95
N LEU A 379 -2.78 -21.96 12.67
CA LEU A 379 -1.98 -20.97 13.36
C LEU A 379 -2.37 -19.58 12.84
N SER A 380 -1.84 -18.55 13.50
CA SER A 380 -2.21 -17.18 13.18
C SER A 380 -1.02 -16.27 13.44
N ASP A 381 -0.95 -15.16 12.69
CA ASP A 381 0.13 -14.20 12.87
C ASP A 381 -0.21 -13.31 14.06
N ASP A 382 0.62 -12.29 14.28
CA ASP A 382 0.47 -11.36 15.39
C ASP A 382 -0.42 -10.17 15.06
N ASN A 383 -1.19 -10.25 13.98
CA ASN A 383 -1.98 -9.15 13.41
C ASN A 383 -1.10 -8.11 12.74
N TRP A 384 0.20 -8.35 12.64
CA TRP A 384 1.07 -7.40 11.94
C TRP A 384 2.06 -8.11 11.04
N GLY A 385 1.68 -9.27 10.53
CA GLY A 385 2.47 -9.95 9.52
C GLY A 385 3.59 -10.84 10.02
N ASN A 386 3.71 -11.08 11.33
CA ASN A 386 4.75 -11.93 11.88
C ASN A 386 4.14 -13.18 12.49
N VAL A 387 4.65 -14.34 12.14
CA VAL A 387 4.07 -15.59 12.61
C VAL A 387 4.48 -15.83 14.05
N ARG A 388 3.55 -16.32 14.86
CA ARG A 388 3.84 -16.50 16.28
C ARG A 388 4.44 -17.87 16.57
N ARG A 389 3.71 -18.94 16.26
CA ARG A 389 4.19 -20.31 16.43
C ARG A 389 4.22 -21.01 15.09
N LEU A 390 5.18 -21.90 14.95
CA LEU A 390 5.25 -22.83 13.84
C LEU A 390 5.48 -24.23 14.38
N PRO A 391 5.12 -25.26 13.61
CA PRO A 391 5.32 -26.63 14.09
C PRO A 391 6.80 -26.95 14.23
N THR A 392 7.12 -27.73 15.27
CA THR A 392 8.43 -28.32 15.41
C THR A 392 8.54 -29.54 14.49
N GLU A 393 9.77 -30.05 14.34
CA GLU A 393 9.96 -31.25 13.51
C GLU A 393 9.10 -32.40 14.00
N GLU A 394 8.85 -32.47 15.30
CA GLU A 394 8.11 -33.60 15.86
C GLU A 394 6.63 -33.50 15.51
N GLU A 395 6.05 -32.31 15.61
CA GLU A 395 4.64 -32.07 15.35
C GLU A 395 4.36 -31.61 13.92
N ARG A 396 5.37 -31.50 13.07
CA ARG A 396 5.12 -31.40 11.63
C ARG A 396 4.39 -32.62 11.12
N ASP A 397 4.55 -33.77 11.81
CA ASP A 397 3.88 -35.03 11.47
C ASP A 397 2.39 -34.85 11.22
N HIS A 398 1.74 -33.87 11.85
CA HIS A 398 0.30 -33.84 12.11
C HIS A 398 -0.51 -34.20 10.86
N PRO A 399 -1.24 -35.31 10.88
CA PRO A 399 -1.98 -35.72 9.68
C PRO A 399 -2.84 -34.62 9.08
N GLY A 400 -3.67 -33.96 9.89
CA GLY A 400 -4.57 -32.95 9.36
C GLY A 400 -3.87 -31.77 8.75
N GLY A 401 -2.66 -31.48 9.19
CA GLY A 401 -1.91 -30.37 8.64
C GLY A 401 -2.19 -29.06 9.33
N TRP A 402 -1.65 -27.99 8.76
CA TRP A 402 -1.59 -26.69 9.43
C TRP A 402 -2.00 -25.57 8.48
N GLY A 403 -2.59 -24.52 9.07
CA GLY A 403 -2.93 -23.32 8.35
C GLY A 403 -2.21 -22.11 8.91
N MET A 404 -2.34 -21.00 8.18
CA MET A 404 -1.76 -19.72 8.56
C MET A 404 -2.77 -18.62 8.25
N TYR A 405 -3.11 -17.83 9.26
CA TYR A 405 -3.95 -16.66 9.12
C TYR A 405 -3.05 -15.42 9.16
N TYR A 406 -3.18 -14.57 8.14
CA TYR A 406 -2.23 -13.49 7.92
C TYR A 406 -2.96 -12.18 7.69
N HIS A 407 -2.42 -11.08 8.22
CA HIS A 407 -3.11 -9.79 8.20
C HIS A 407 -2.49 -8.81 7.19
N PHE A 408 -3.35 -8.19 6.38
CA PHE A 408 -3.03 -7.02 5.58
C PHE A 408 -3.69 -5.77 6.13
N ASP A 409 -4.43 -5.93 7.22
CA ASP A 409 -5.42 -4.99 7.75
C ASP A 409 -5.74 -5.46 9.16
N TYR A 410 -5.95 -4.54 10.09
CA TYR A 410 -6.16 -5.00 11.46
C TYR A 410 -6.83 -3.93 12.29
N VAL A 411 -7.79 -4.35 13.11
CA VAL A 411 -8.48 -3.46 14.05
C VAL A 411 -8.15 -3.92 15.47
N GLY A 412 -7.40 -3.09 16.18
CA GLY A 412 -7.01 -3.43 17.52
C GLY A 412 -5.75 -2.69 17.91
N ALA A 413 -4.93 -3.36 18.73
CA ALA A 413 -3.70 -2.79 19.27
C ALA A 413 -2.58 -2.86 18.24
N PRO A 414 -1.60 -1.95 18.33
CA PRO A 414 -1.63 -0.78 19.21
C PRO A 414 -2.51 0.32 18.65
N ARG A 415 -2.78 0.27 17.35
CA ARG A 415 -3.75 1.16 16.73
C ARG A 415 -4.28 0.48 15.48
N SER A 416 -5.58 0.60 15.22
CA SER A 416 -6.13 0.01 14.01
C SER A 416 -5.37 0.50 12.78
N SER A 417 -5.42 -0.29 11.72
CA SER A 417 -4.90 0.11 10.41
C SER A 417 -5.96 -0.33 9.40
N LYS A 418 -6.70 0.63 8.82
CA LYS A 418 -7.87 0.31 8.03
C LYS A 418 -7.94 1.04 6.70
N TRP A 419 -6.94 1.82 6.33
CA TRP A 419 -7.06 2.71 5.18
C TRP A 419 -6.43 2.15 3.92
N LEU A 420 -5.11 1.90 3.92
CA LEU A 420 -4.34 1.52 2.74
C LEU A 420 -3.47 0.29 3.01
N ASN A 421 -2.95 -0.27 1.93
CA ASN A 421 -1.93 -1.30 2.02
C ASN A 421 -0.75 -0.80 2.86
N ILE A 422 -0.35 -1.60 3.84
CA ILE A 422 0.80 -1.29 4.68
C ILE A 422 1.83 -2.39 4.62
N SER A 423 1.70 -3.30 3.67
CA SER A 423 2.50 -4.52 3.71
C SER A 423 3.59 -4.45 2.66
N PRO A 424 4.84 -4.21 3.03
CA PRO A 424 5.92 -4.35 2.04
C PRO A 424 5.88 -5.73 1.41
N ILE A 425 6.16 -5.76 0.11
CA ILE A 425 6.21 -7.02 -0.62
C ILE A 425 7.22 -7.97 0.03
N GLN A 426 8.37 -7.44 0.42
CA GLN A 426 9.40 -8.28 1.03
C GLN A 426 8.92 -8.90 2.33
N ASN A 427 8.06 -8.20 3.07
CA ASN A 427 7.63 -8.67 4.37
C ASN A 427 6.65 -9.83 4.24
N ILE A 428 5.70 -9.72 3.30
CA ILE A 428 4.80 -10.84 3.02
C ILE A 428 5.60 -12.08 2.63
N TRP A 429 6.57 -11.90 1.73
CA TRP A 429 7.28 -13.07 1.24
C TRP A 429 8.16 -13.67 2.32
N GLU A 430 8.92 -12.81 3.02
CA GLU A 430 9.90 -13.33 3.96
C GLU A 430 9.25 -14.20 5.04
N GLN A 431 8.06 -13.81 5.50
CA GLN A 431 7.35 -14.56 6.53
C GLN A 431 6.53 -15.73 5.97
N MET A 432 6.03 -15.63 4.74
CA MET A 432 5.29 -16.76 4.16
C MET A 432 6.24 -17.86 3.68
N GLN A 433 7.40 -17.49 3.15
CA GLN A 433 8.34 -18.52 2.73
C GLN A 433 8.75 -19.37 3.92
N LEU A 434 8.97 -18.72 5.06
CA LEU A 434 9.22 -19.45 6.31
C LEU A 434 8.06 -20.37 6.64
N THR A 435 6.83 -19.86 6.51
CA THR A 435 5.66 -20.65 6.87
C THR A 435 5.62 -21.93 6.04
N TYR A 436 5.86 -21.81 4.74
CA TYR A 436 5.83 -23.02 3.91
C TYR A 436 6.97 -23.94 4.26
N ASP A 437 8.16 -23.39 4.50
CA ASP A 437 9.34 -24.21 4.71
C ASP A 437 9.25 -25.03 5.99
N TYR A 438 8.41 -24.61 6.93
CA TYR A 438 8.18 -25.33 8.18
C TYR A 438 6.97 -26.26 8.11
N GLY A 439 6.37 -26.43 6.93
CA GLY A 439 5.38 -27.46 6.73
C GLY A 439 3.93 -27.04 6.84
N VAL A 440 3.65 -25.74 6.91
CA VAL A 440 2.28 -25.25 7.07
C VAL A 440 1.76 -24.96 5.66
N ASP A 441 0.95 -25.89 5.12
CA ASP A 441 0.54 -25.87 3.72
C ASP A 441 -0.86 -26.43 3.49
N GLU A 442 -1.72 -26.43 4.51
CA GLU A 442 -3.08 -26.87 4.27
C GLU A 442 -4.04 -25.70 4.10
N LEU A 443 -3.89 -24.63 4.89
CA LEU A 443 -4.77 -23.47 4.73
C LEU A 443 -3.96 -22.17 4.88
N TRP A 444 -4.07 -21.30 3.88
CA TRP A 444 -3.56 -19.94 3.94
C TRP A 444 -4.72 -18.99 3.68
N VAL A 445 -5.07 -18.18 4.67
CA VAL A 445 -6.10 -17.16 4.50
C VAL A 445 -5.61 -15.82 5.05
N ALA A 446 -5.81 -14.76 4.27
CA ALA A 446 -5.31 -13.42 4.57
C ALA A 446 -6.46 -12.47 4.85
N ASN A 447 -6.36 -11.75 5.97
CA ASN A 447 -7.31 -10.66 6.25
C ASN A 447 -7.07 -9.49 5.28
N VAL A 448 -8.05 -9.21 4.42
CA VAL A 448 -7.86 -8.25 3.35
C VAL A 448 -8.63 -6.96 3.59
N GLY A 449 -9.17 -6.77 4.79
CA GLY A 449 -9.98 -5.57 4.97
C GLY A 449 -11.15 -5.62 4.02
N ASP A 450 -11.32 -4.54 3.23
CA ASP A 450 -12.38 -4.41 2.23
C ASP A 450 -12.01 -5.02 0.89
N LEU A 451 -10.95 -5.83 0.82
CA LEU A 451 -10.40 -6.32 -0.44
C LEU A 451 -9.61 -5.20 -1.13
N LYS A 452 -10.26 -4.17 -1.59
CA LYS A 452 -9.54 -2.98 -2.03
C LYS A 452 -9.10 -2.17 -0.81
N PRO A 453 -7.92 -1.54 -0.83
CA PRO A 453 -6.93 -1.50 -1.91
C PRO A 453 -5.80 -2.49 -1.69
N MET A 454 -6.14 -3.74 -1.40
CA MET A 454 -5.12 -4.77 -1.19
C MET A 454 -4.88 -5.59 -2.44
N GLU A 455 -5.22 -5.05 -3.61
CA GLU A 455 -5.18 -5.85 -4.84
C GLU A 455 -3.83 -6.55 -5.02
N TYR A 456 -2.71 -5.82 -4.82
CA TYR A 456 -1.41 -6.45 -5.07
C TYR A 456 -1.05 -7.49 -4.01
N PRO A 457 -1.03 -7.17 -2.72
CA PRO A 457 -0.71 -8.23 -1.75
C PRO A 457 -1.59 -9.47 -1.89
N ILE A 458 -2.86 -9.31 -2.27
CA ILE A 458 -3.69 -10.50 -2.47
C ILE A 458 -3.11 -11.37 -3.57
N THR A 459 -2.78 -10.75 -4.71
CA THR A 459 -2.22 -11.52 -5.82
C THR A 459 -0.91 -12.21 -5.41
N LEU A 460 -0.01 -11.49 -4.76
CA LEU A 460 1.19 -12.14 -4.27
C LEU A 460 0.87 -13.30 -3.30
N PHE A 461 0.07 -13.02 -2.27
CA PHE A 461 -0.28 -14.05 -1.29
C PHE A 461 -0.74 -15.33 -1.97
N LEU A 462 -1.73 -15.22 -2.87
CA LEU A 462 -2.29 -16.42 -3.52
C LEU A 462 -1.29 -17.07 -4.48
N ASP A 463 -0.60 -16.26 -5.29
CA ASP A 463 0.42 -16.85 -6.16
C ASP A 463 1.49 -17.60 -5.38
N MET A 464 1.84 -17.13 -4.17
CA MET A 464 2.79 -17.88 -3.34
C MET A 464 2.15 -19.18 -2.84
N ALA A 465 0.90 -19.11 -2.38
CA ALA A 465 0.20 -20.31 -1.97
C ALA A 465 0.14 -21.34 -3.08
N TRP A 466 0.10 -20.91 -4.35
CA TRP A 466 0.08 -21.90 -5.42
C TRP A 466 1.42 -22.62 -5.52
N ASP A 467 2.51 -21.87 -5.59
CA ASP A 467 3.84 -22.45 -5.77
C ASP A 467 4.85 -21.56 -5.05
N PRO A 468 4.97 -21.71 -3.73
CA PRO A 468 5.97 -20.90 -3.01
C PRO A 468 7.39 -21.18 -3.48
N THR A 469 7.61 -22.32 -4.10
CA THR A 469 8.97 -22.71 -4.45
C THR A 469 9.59 -21.80 -5.51
N ARG A 470 8.77 -21.13 -6.32
CA ARG A 470 9.28 -20.29 -7.38
C ARG A 470 9.63 -18.88 -6.92
N PHE A 471 9.53 -18.56 -5.63
CA PHE A 471 9.90 -17.26 -5.11
C PHE A 471 11.20 -17.37 -4.32
N ASN A 472 12.09 -16.41 -4.53
CA ASN A 472 13.27 -16.28 -3.69
C ASN A 472 13.62 -14.80 -3.61
N ALA A 473 14.63 -14.49 -2.78
CA ALA A 473 14.94 -13.10 -2.50
C ALA A 473 15.34 -12.35 -3.77
N GLU A 474 16.03 -13.02 -4.70
CA GLU A 474 16.52 -12.37 -5.90
C GLU A 474 15.37 -12.08 -6.86
N ASN A 475 14.39 -12.97 -6.96
CA ASN A 475 13.41 -12.87 -8.02
C ASN A 475 12.06 -12.35 -7.56
N LEU A 476 11.92 -12.03 -6.28
CA LEU A 476 10.65 -11.58 -5.73
C LEU A 476 10.01 -10.52 -6.60
N LEU A 477 10.72 -9.42 -6.82
CA LEU A 477 10.12 -8.32 -7.57
C LEU A 477 9.85 -8.63 -9.04
N ASP A 478 10.42 -9.72 -9.60
CA ASP A 478 9.97 -10.22 -10.89
C ASP A 478 8.45 -10.44 -10.89
N HIS A 479 7.92 -10.93 -9.77
CA HIS A 479 6.48 -11.08 -9.64
C HIS A 479 5.78 -9.73 -9.75
N THR A 480 6.30 -8.72 -9.05
CA THR A 480 5.70 -7.39 -9.15
C THR A 480 5.76 -6.88 -10.59
N ARG A 481 6.87 -7.15 -11.29
CA ARG A 481 6.98 -6.65 -12.65
C ARG A 481 6.00 -7.36 -13.56
N SER A 482 5.81 -8.66 -13.36
CA SER A 482 4.86 -9.40 -14.18
C SER A 482 3.44 -8.90 -13.94
N PHE A 483 3.12 -8.62 -12.68
CA PHE A 483 1.80 -8.12 -12.34
C PHE A 483 1.55 -6.78 -13.02
N ALA A 484 2.52 -5.88 -12.95
CA ALA A 484 2.38 -4.58 -13.58
C ALA A 484 2.23 -4.70 -15.09
N ALA A 485 2.99 -5.62 -15.71
CA ALA A 485 2.88 -5.76 -17.17
C ALA A 485 1.49 -6.25 -17.56
N GLN A 486 0.91 -7.11 -16.74
CA GLN A 486 -0.46 -7.58 -17.00
C GLN A 486 -1.45 -6.43 -16.89
N GLN A 487 -1.31 -5.57 -15.88
CA GLN A 487 -2.31 -4.52 -15.68
C GLN A 487 -2.15 -3.35 -16.64
N PHE A 488 -0.91 -3.01 -17.03
CA PHE A 488 -0.61 -1.78 -17.75
C PHE A 488 0.22 -2.00 -19.00
N GLY A 489 0.61 -3.21 -19.30
CA GLY A 489 1.31 -3.38 -20.55
C GLY A 489 2.82 -3.43 -20.36
N GLU A 490 3.49 -4.16 -21.26
CA GLU A 490 4.93 -4.32 -21.17
C GLU A 490 5.64 -2.97 -21.01
N ASP A 491 5.24 -1.97 -21.80
CA ASP A 491 5.96 -0.71 -21.88
C ASP A 491 5.91 0.09 -20.58
N GLN A 492 4.93 -0.20 -19.72
CA GLN A 492 4.69 0.52 -18.48
C GLN A 492 5.19 -0.24 -17.26
N ALA A 493 5.70 -1.44 -17.45
CA ALA A 493 5.75 -2.39 -16.34
C ALA A 493 6.88 -2.06 -15.36
N ASP A 494 8.11 -1.90 -15.85
CA ASP A 494 9.22 -1.63 -14.93
C ASP A 494 8.88 -0.47 -14.01
N GLU A 495 8.41 0.63 -14.58
CA GLU A 495 8.19 1.83 -13.77
C GLU A 495 6.97 1.69 -12.88
N ALA A 496 5.94 0.96 -13.31
CA ALA A 496 4.80 0.74 -12.42
C ALA A 496 5.17 -0.19 -11.27
N ALA A 497 5.91 -1.26 -11.54
CA ALA A 497 6.32 -2.11 -10.43
C ALA A 497 7.25 -1.37 -9.50
N ARG A 498 8.15 -0.56 -10.05
CA ARG A 498 9.03 0.18 -9.17
C ARG A 498 8.23 1.02 -8.20
N ILE A 499 7.12 1.60 -8.65
CA ILE A 499 6.38 2.48 -7.76
C ILE A 499 5.64 1.66 -6.71
N ILE A 500 5.03 0.54 -7.11
CA ILE A 500 4.30 -0.30 -6.15
C ILE A 500 5.24 -0.75 -5.04
N ASN A 501 6.42 -1.20 -5.41
CA ASN A 501 7.39 -1.67 -4.43
C ASN A 501 7.73 -0.56 -3.46
N LEU A 502 8.06 0.62 -4.00
CA LEU A 502 8.50 1.71 -3.15
C LEU A 502 7.41 2.16 -2.18
N TYR A 503 6.20 2.44 -2.69
CA TYR A 503 5.18 2.97 -1.79
C TYR A 503 4.82 1.94 -0.73
N SER A 504 4.83 0.65 -1.09
CA SER A 504 4.64 -0.38 -0.10
C SER A 504 5.71 -0.30 0.98
N LYS A 505 6.97 -0.16 0.58
CA LYS A 505 8.05 -0.04 1.54
C LYS A 505 7.87 1.17 2.45
N TYR A 506 7.64 2.35 1.88
CA TYR A 506 7.41 3.54 2.70
C TYR A 506 6.31 3.30 3.72
N ASN A 507 5.21 2.65 3.28
CA ASN A 507 4.10 2.41 4.18
C ASN A 507 4.45 1.41 5.27
N GLY A 508 5.36 0.49 4.97
CA GLY A 508 5.88 -0.37 6.02
C GLY A 508 6.59 0.34 7.14
N ARG A 509 7.06 1.58 6.91
CA ARG A 509 7.87 2.27 7.93
C ARG A 509 7.05 2.68 9.14
N VAL A 510 5.77 2.99 8.93
CA VAL A 510 4.83 3.40 9.97
C VAL A 510 3.47 3.48 9.31
N THR A 511 2.42 2.99 9.98
CA THR A 511 1.09 3.03 9.39
C THR A 511 0.60 4.45 9.34
N PRO A 512 -0.24 4.78 8.35
CA PRO A 512 -0.82 6.13 8.27
C PRO A 512 -1.54 6.57 9.55
N GLU A 513 -2.26 5.65 10.19
CA GLU A 513 -2.97 5.96 11.41
C GLU A 513 -2.02 6.29 12.57
N MET A 514 -0.79 5.83 12.52
CA MET A 514 0.15 6.10 13.60
C MET A 514 1.16 7.19 13.25
N LEU A 515 1.29 7.53 11.97
CA LEU A 515 2.02 8.73 11.56
C LEU A 515 1.47 9.97 12.24
N ASP A 516 2.36 10.81 12.77
CA ASP A 516 1.98 12.16 13.20
C ASP A 516 3.24 13.03 13.24
N ARG A 517 3.10 14.24 13.80
CA ARG A 517 4.19 15.20 13.76
C ARG A 517 5.48 14.64 14.37
N ASN A 518 5.37 13.72 15.33
CA ASN A 518 6.56 13.27 16.05
C ASN A 518 7.17 11.98 15.54
N THR A 519 6.63 11.39 14.46
CA THR A 519 7.17 10.12 13.96
C THR A 519 8.65 10.25 13.60
N TYR A 520 9.01 11.30 12.88
CA TYR A 520 10.34 11.41 12.30
C TYR A 520 11.15 12.52 12.97
N ASN A 521 12.47 12.44 12.79
CA ASN A 521 13.38 13.39 13.40
C ASN A 521 13.45 14.65 12.52
N LEU A 522 13.08 15.79 13.09
CA LEU A 522 13.01 17.05 12.35
C LEU A 522 14.35 17.79 12.33
N GLU A 523 15.01 17.88 13.49
CA GLU A 523 16.31 18.58 13.54
C GLU A 523 17.30 17.94 12.58
N SER A 524 17.34 16.61 12.53
CA SER A 524 18.34 15.94 11.71
C SER A 524 18.05 16.04 10.22
N GLY A 525 16.91 16.59 9.83
CA GLY A 525 16.51 16.63 8.43
C GLY A 525 15.83 15.38 7.93
N GLU A 526 15.63 14.39 8.79
CA GLU A 526 14.95 13.16 8.41
C GLU A 526 13.52 13.41 7.94
N TRP A 527 12.76 14.26 8.65
CA TRP A 527 11.40 14.55 8.22
C TRP A 527 11.38 15.10 6.81
N LYS A 528 12.22 16.08 6.52
CA LYS A 528 12.24 16.66 5.19
C LYS A 528 12.57 15.61 4.16
N LYS A 529 13.56 14.76 4.46
CA LYS A 529 13.92 13.67 3.53
C LYS A 529 12.70 12.83 3.16
N VAL A 530 12.02 12.26 4.16
CA VAL A 530 10.96 11.32 3.83
C VAL A 530 9.76 12.05 3.23
N SER A 531 9.48 13.28 3.67
CA SER A 531 8.44 14.05 2.99
C SER A 531 8.83 14.36 1.54
N ASP A 532 10.02 14.93 1.31
CA ASP A 532 10.42 15.21 -0.07
C ASP A 532 10.43 13.94 -0.90
N GLU A 533 10.88 12.82 -0.31
CA GLU A 533 11.05 11.61 -1.12
C GLU A 533 9.71 11.01 -1.52
N TYR A 534 8.69 11.12 -0.67
CA TYR A 534 7.39 10.60 -1.07
C TYR A 534 6.79 11.46 -2.17
N ILE A 535 7.05 12.78 -2.13
CA ILE A 535 6.55 13.64 -3.21
C ILE A 535 7.28 13.35 -4.51
N LYS A 536 8.57 13.01 -4.45
CA LYS A 536 9.27 12.54 -5.65
C LYS A 536 8.57 11.33 -6.27
N LEU A 537 8.20 10.35 -5.43
CA LEU A 537 7.47 9.20 -5.92
C LEU A 537 6.16 9.64 -6.55
N GLU A 538 5.49 10.64 -5.96
CA GLU A 538 4.25 11.12 -6.55
C GLU A 538 4.52 11.75 -7.91
N ALA A 539 5.61 12.54 -8.02
CA ALA A 539 5.94 13.12 -9.32
C ALA A 539 6.19 12.04 -10.36
N GLU A 540 6.90 10.99 -9.99
CA GLU A 540 7.15 9.92 -10.94
C GLU A 540 5.86 9.21 -11.32
N ALA A 541 4.95 9.05 -10.36
CA ALA A 541 3.68 8.43 -10.72
C ALA A 541 2.85 9.35 -11.59
N LEU A 542 2.91 10.68 -11.35
CA LEU A 542 2.18 11.60 -12.22
C LEU A 542 2.72 11.58 -13.64
N ARG A 543 4.04 11.55 -13.79
CA ARG A 543 4.61 11.50 -15.13
C ARG A 543 4.14 10.25 -15.86
N GLN A 544 4.13 9.11 -15.17
CA GLN A 544 3.71 7.87 -15.83
C GLN A 544 2.24 7.98 -16.18
N TYR A 545 1.45 8.59 -15.30
CA TYR A 545 0.02 8.69 -15.50
C TYR A 545 -0.30 9.42 -16.78
N LEU A 546 0.46 10.48 -17.10
CA LEU A 546 0.22 11.23 -18.33
C LEU A 546 0.56 10.45 -19.59
N THR A 547 1.33 9.36 -19.49
CA THR A 547 1.69 8.57 -20.66
C THR A 547 0.69 7.47 -20.94
N LEU A 548 -0.20 7.17 -19.98
CA LEU A 548 -1.17 6.09 -20.13
C LEU A 548 -2.24 6.45 -21.16
N GLU A 549 -2.80 5.41 -21.79
CA GLU A 549 -4.03 5.56 -22.55
C GLU A 549 -5.19 5.82 -21.59
N PRO A 550 -6.18 6.61 -22.01
CA PRO A 550 -7.31 6.93 -21.12
C PRO A 550 -7.93 5.74 -20.40
N GLU A 551 -8.26 4.69 -21.15
CA GLU A 551 -8.85 3.50 -20.57
C GLU A 551 -8.01 2.88 -19.45
N GLN A 552 -6.74 3.26 -19.31
CA GLN A 552 -5.92 2.75 -18.22
C GLN A 552 -5.93 3.62 -16.97
N ARG A 553 -6.44 4.85 -17.02
CA ARG A 553 -6.18 5.77 -15.91
C ARG A 553 -6.83 5.29 -14.60
N ASP A 554 -8.08 4.82 -14.66
CA ASP A 554 -8.77 4.40 -13.45
C ASP A 554 -8.04 3.27 -12.72
N ALA A 555 -7.55 2.27 -13.47
CA ALA A 555 -6.79 1.20 -12.83
C ALA A 555 -5.51 1.74 -12.23
N TYR A 556 -4.81 2.60 -12.98
CA TYR A 556 -3.58 3.18 -12.45
C TYR A 556 -3.85 3.96 -11.17
N LYS A 557 -4.97 4.69 -11.14
CA LYS A 557 -5.26 5.44 -9.94
C LYS A 557 -5.57 4.51 -8.78
N GLN A 558 -6.28 3.40 -9.05
CA GLN A 558 -6.62 2.51 -7.96
C GLN A 558 -5.41 1.74 -7.43
N LEU A 559 -4.49 1.37 -8.31
CA LEU A 559 -3.42 0.50 -7.87
C LEU A 559 -2.18 1.27 -7.49
N ILE A 560 -2.07 2.53 -7.93
CA ILE A 560 -0.85 3.31 -7.74
C ILE A 560 -1.10 4.77 -7.39
N LEU A 561 -1.77 5.52 -8.27
CA LEU A 561 -1.77 6.97 -8.12
C LEU A 561 -2.46 7.41 -6.83
N TYR A 562 -3.54 6.73 -6.42
CA TYR A 562 -4.23 7.25 -5.24
C TYR A 562 -3.45 6.93 -3.98
N PRO A 563 -2.96 5.70 -3.81
CA PRO A 563 -2.11 5.44 -2.63
C PRO A 563 -0.93 6.40 -2.54
N VAL A 564 -0.25 6.63 -3.66
CA VAL A 564 0.94 7.47 -3.64
C VAL A 564 0.56 8.92 -3.32
N GLN A 565 -0.39 9.48 -4.06
CA GLN A 565 -0.82 10.85 -3.78
C GLN A 565 -1.34 10.99 -2.35
N ALA A 566 -2.17 10.06 -1.88
CA ALA A 566 -2.74 10.22 -0.56
C ALA A 566 -1.66 10.14 0.52
N MET A 567 -0.68 9.24 0.36
CA MET A 567 0.39 9.16 1.36
C MET A 567 1.36 10.34 1.25
N ALA A 568 1.79 10.68 0.02
CA ALA A 568 2.66 11.85 -0.11
C ALA A 568 2.00 13.08 0.51
N ASN A 569 0.69 13.24 0.31
CA ASN A 569 -0.02 14.35 0.91
C ASN A 569 -0.08 14.24 2.43
N LEU A 570 -0.40 13.06 2.95
CA LEU A 570 -0.41 12.85 4.41
C LEU A 570 0.94 13.16 5.02
N TYR A 571 2.02 12.69 4.39
CA TYR A 571 3.36 12.96 4.91
C TYR A 571 3.63 14.45 4.96
N GLU A 572 3.39 15.15 3.86
CA GLU A 572 3.65 16.59 3.84
C GLU A 572 2.81 17.30 4.90
N MET A 573 1.58 16.83 5.14
CA MET A 573 0.76 17.45 6.17
C MET A 573 1.43 17.38 7.53
N TYR A 574 1.83 16.18 7.96
CA TYR A 574 2.45 16.03 9.27
C TYR A 574 3.81 16.71 9.31
N TYR A 575 4.60 16.57 8.25
CA TYR A 575 5.85 17.34 8.20
C TYR A 575 5.57 18.81 8.43
N SER A 576 4.59 19.35 7.71
CA SER A 576 4.21 20.76 7.88
C SER A 576 3.77 21.04 9.31
N GLN A 577 2.98 20.15 9.92
CA GLN A 577 2.61 20.40 11.30
C GLN A 577 3.85 20.51 12.16
N ALA A 578 4.81 19.60 11.94
CA ALA A 578 6.04 19.62 12.73
C ALA A 578 6.79 20.94 12.56
N MET A 579 6.85 21.46 11.32
CA MET A 579 7.46 22.76 11.08
C MET A 579 6.66 23.88 11.72
N ASN A 580 5.33 23.84 11.61
CA ASN A 580 4.51 24.85 12.26
C ASN A 580 4.89 24.98 13.74
N HIS A 581 4.95 23.85 14.45
CA HIS A 581 5.23 23.93 15.88
C HIS A 581 6.64 24.43 16.17
N LYS A 582 7.63 24.02 15.37
CA LYS A 582 8.99 24.47 15.59
C LYS A 582 9.09 25.98 15.46
N LEU A 583 8.55 26.54 14.37
CA LEU A 583 8.61 27.97 14.15
C LEU A 583 7.77 28.71 15.16
N TYR A 584 6.62 28.14 15.55
CA TYR A 584 5.77 28.81 16.55
C TYR A 584 6.49 28.89 17.90
N ARG A 585 7.06 27.78 18.34
CA ARG A 585 7.94 27.80 19.51
C ARG A 585 8.95 28.93 19.39
N GLU A 586 9.62 29.01 18.24
CA GLU A 586 10.71 29.97 18.02
C GLU A 586 10.21 31.40 17.87
N ASN A 587 8.90 31.58 17.79
CA ASN A 587 8.29 32.91 17.68
C ASN A 587 8.53 33.54 16.32
N ASN A 588 8.78 32.71 15.32
CA ASN A 588 9.10 33.16 13.97
C ASN A 588 7.82 33.14 13.15
N PRO A 589 7.40 34.26 12.56
CA PRO A 589 6.12 34.29 11.84
C PRO A 589 6.04 33.32 10.65
N MET A 590 7.16 32.76 10.18
CA MET A 590 7.07 31.73 9.15
C MET A 590 6.15 30.59 9.57
N ALA A 591 5.91 30.42 10.87
CA ALA A 591 4.95 29.45 11.34
C ALA A 591 3.63 29.56 10.59
N ASN A 592 3.26 30.79 10.23
CA ASN A 592 1.97 31.00 9.59
C ASN A 592 1.93 30.33 8.22
N TYR A 593 3.05 30.31 7.51
CA TYR A 593 3.09 29.61 6.23
C TYR A 593 2.80 28.14 6.41
N TRP A 594 3.48 27.50 7.37
CA TRP A 594 3.29 26.06 7.58
C TRP A 594 1.91 25.73 8.10
N ALA A 595 1.31 26.62 8.89
CA ALA A 595 -0.09 26.43 9.27
C ALA A 595 -0.97 26.37 8.03
N ASP A 596 -0.78 27.32 7.11
CA ASP A 596 -1.51 27.29 5.85
C ASP A 596 -1.29 25.97 5.11
N ARG A 597 -0.04 25.46 5.10
CA ARG A 597 0.21 24.21 4.38
C ARG A 597 -0.52 23.04 5.03
N VAL A 598 -0.54 22.96 6.37
CA VAL A 598 -1.34 21.93 7.04
C VAL A 598 -2.78 21.98 6.57
N GLU A 599 -3.39 23.18 6.58
CA GLU A 599 -4.77 23.32 6.12
C GLU A 599 -4.94 22.85 4.68
N GLU A 600 -4.07 23.31 3.78
CA GLU A 600 -4.20 22.93 2.38
C GLU A 600 -4.03 21.43 2.18
N THR A 601 -3.02 20.82 2.81
CA THR A 601 -2.83 19.39 2.64
C THR A 601 -3.96 18.60 3.29
N PHE A 602 -4.45 19.06 4.43
CA PHE A 602 -5.59 18.40 5.03
C PHE A 602 -6.79 18.38 4.07
N ASN A 603 -7.04 19.49 3.37
CA ASN A 603 -8.18 19.50 2.46
C ASN A 603 -7.88 18.71 1.20
N ARG A 604 -6.62 18.73 0.76
CA ARG A 604 -6.26 17.89 -0.38
C ARG A 604 -6.59 16.44 -0.09
N ASP A 605 -6.38 15.98 1.15
CA ASP A 605 -6.72 14.60 1.46
C ASP A 605 -8.18 14.30 1.16
N ALA A 606 -9.08 15.24 1.46
CA ALA A 606 -10.48 15.06 1.12
C ALA A 606 -10.72 15.19 -0.38
N GLU A 607 -9.99 16.06 -1.07
CA GLU A 607 -10.11 16.12 -2.51
C GLU A 607 -9.81 14.77 -3.14
N LEU A 608 -8.73 14.14 -2.70
CA LEU A 608 -8.29 12.89 -3.31
C LEU A 608 -9.29 11.75 -3.06
N SER A 609 -9.81 11.62 -1.84
CA SER A 609 -10.76 10.54 -1.62
C SER A 609 -12.11 10.86 -2.27
N HIS A 610 -12.51 12.13 -2.32
CA HIS A 610 -13.71 12.46 -3.08
C HIS A 610 -13.61 12.01 -4.54
N ASP A 611 -12.46 12.27 -5.16
CA ASP A 611 -12.20 11.78 -6.51
C ASP A 611 -12.34 10.26 -6.59
N TYR A 612 -11.64 9.54 -5.71
CA TYR A 612 -11.71 8.08 -5.75
C TYR A 612 -13.14 7.58 -5.67
N ASN A 613 -13.93 8.14 -4.74
CA ASN A 613 -15.28 7.64 -4.51
C ASN A 613 -16.21 8.03 -5.64
N LYS A 614 -16.16 9.30 -6.07
CA LYS A 614 -17.26 9.92 -6.80
C LYS A 614 -16.99 10.18 -8.27
N VAL A 615 -15.73 10.19 -8.70
CA VAL A 615 -15.32 10.65 -10.02
C VAL A 615 -14.60 9.55 -10.79
N MET A 616 -13.52 9.02 -10.23
CA MET A 616 -12.90 7.84 -10.80
C MET A 616 -13.96 6.84 -11.23
N ALA A 617 -13.81 6.32 -12.45
CA ALA A 617 -14.69 5.25 -12.95
C ALA A 617 -16.17 5.56 -12.68
N ASN A 618 -16.54 6.82 -12.91
CA ASN A 618 -17.91 7.28 -12.76
C ASN A 618 -18.51 6.85 -11.42
N GLY A 619 -17.72 6.94 -10.36
CA GLY A 619 -18.25 6.56 -9.07
C GLY A 619 -18.57 5.10 -8.90
N LYS A 620 -18.03 4.22 -9.76
CA LYS A 620 -18.19 2.79 -9.56
C LYS A 620 -17.90 2.39 -8.12
N TRP A 621 -16.85 2.95 -7.53
CA TRP A 621 -16.32 2.50 -6.25
C TRP A 621 -16.76 3.38 -5.07
N ASP A 622 -17.80 4.18 -5.28
CA ASP A 622 -18.31 5.05 -4.24
C ASP A 622 -18.56 4.30 -2.94
N GLY A 623 -17.86 4.71 -1.87
CA GLY A 623 -17.92 4.06 -0.57
C GLY A 623 -16.62 3.35 -0.19
N MET A 624 -15.92 2.84 -1.19
CA MET A 624 -14.71 2.07 -0.95
C MET A 624 -13.62 2.89 -0.25
N MET A 625 -13.64 4.22 -0.37
CA MET A 625 -12.55 5.03 0.13
C MET A 625 -13.10 6.09 1.08
N THR A 626 -13.79 5.64 2.12
CA THR A 626 -14.40 6.54 3.08
C THR A 626 -13.89 6.36 4.51
N GLN A 627 -12.96 5.43 4.74
CA GLN A 627 -12.33 5.27 6.05
C GLN A 627 -11.64 6.56 6.51
N LYS A 628 -11.92 6.99 7.75
CA LYS A 628 -11.19 8.13 8.31
C LYS A 628 -9.78 7.71 8.72
N LYS A 629 -8.87 8.69 8.76
CA LYS A 629 -7.45 8.37 8.93
C LYS A 629 -6.73 9.45 9.74
N ILE A 630 -7.30 10.64 9.85
CA ILE A 630 -6.62 11.79 10.45
C ILE A 630 -7.37 12.22 11.71
N GLY A 631 -6.79 11.95 12.86
CA GLY A 631 -7.42 12.33 14.11
C GLY A 631 -7.49 11.24 15.15
N TYR A 632 -6.80 10.13 14.90
CA TYR A 632 -6.68 9.08 15.90
C TYR A 632 -6.11 9.66 17.18
N ARG A 633 -6.66 9.21 18.32
CA ARG A 633 -6.15 9.58 19.63
C ARG A 633 -5.91 8.33 20.46
N SER A 634 -6.65 7.25 20.19
CA SER A 634 -6.41 5.96 20.81
C SER A 634 -6.31 4.91 19.70
N TRP A 635 -6.47 3.64 20.06
CA TRP A 635 -6.30 2.54 19.11
C TRP A 635 -7.43 2.43 18.10
N ASN A 636 -8.61 2.98 18.40
CA ASN A 636 -9.78 2.78 17.57
C ASN A 636 -10.12 4.05 16.79
N ASP A 637 -10.87 3.88 15.71
CA ASP A 637 -11.28 5.02 14.90
C ASP A 637 -12.64 5.59 15.35
N ASN A 638 -12.89 5.57 16.65
CA ASN A 638 -14.11 6.15 17.20
C ASN A 638 -13.89 7.64 17.48
N PHE A 639 -13.85 8.42 16.41
CA PHE A 639 -13.95 9.87 16.47
C PHE A 639 -14.76 10.30 15.26
N PRO A 640 -15.34 11.49 15.30
CA PRO A 640 -16.34 11.88 14.29
C PRO A 640 -15.93 11.70 12.85
N ALA A 641 -14.79 12.29 12.47
CA ALA A 641 -14.38 12.33 11.08
C ALA A 641 -12.95 12.82 11.03
N ASP A 642 -12.36 12.78 9.82
CA ASP A 642 -11.04 13.37 9.64
C ASP A 642 -11.01 14.75 10.27
N THR A 643 -10.01 14.98 11.12
CA THR A 643 -9.92 16.19 11.94
C THR A 643 -8.63 16.92 11.63
N LEU A 644 -8.71 18.23 11.58
CA LEU A 644 -7.55 19.03 11.19
C LEU A 644 -6.50 19.00 12.30
N PRO A 645 -5.28 18.50 12.04
CA PRO A 645 -4.26 18.49 13.10
C PRO A 645 -4.02 19.90 13.62
N GLN A 646 -3.73 19.99 14.93
CA GLN A 646 -3.67 21.28 15.60
C GLN A 646 -2.51 22.13 15.10
N ILE A 647 -2.79 23.40 14.81
CA ILE A 647 -1.78 24.34 14.34
C ILE A 647 -1.87 25.64 15.13
N PHE A 648 -0.77 26.41 15.08
CA PHE A 648 -0.61 27.63 15.85
C PHE A 648 -0.18 28.76 14.93
N ARG A 649 -0.68 29.96 15.20
CA ARG A 649 -0.42 31.10 14.33
C ARG A 649 0.07 32.27 15.17
N ILE A 650 1.02 33.02 14.61
CA ILE A 650 1.55 34.21 15.26
C ILE A 650 0.69 35.39 14.85
N GLU A 651 -0.04 35.97 15.80
CA GLU A 651 -0.89 37.12 15.50
C GLU A 651 -0.03 38.33 15.12
N ASN A 652 -0.47 39.06 14.10
CA ASN A 652 0.17 40.30 13.66
C ASN A 652 1.59 40.06 13.19
N PRO A 653 1.78 39.21 12.17
CA PRO A 653 3.15 38.79 11.81
C PRO A 653 3.99 39.87 11.13
N GLU A 654 3.44 41.04 10.81
CA GLU A 654 4.27 42.05 10.18
C GLU A 654 5.14 42.77 11.18
N GLU A 655 4.64 43.00 12.38
CA GLU A 655 5.44 43.56 13.46
C GLU A 655 6.14 42.48 14.27
N ALA A 656 6.37 41.30 13.69
CA ALA A 656 7.15 40.27 14.34
C ALA A 656 8.47 40.08 13.61
N THR A 657 9.29 41.11 13.61
CA THR A 657 10.57 41.12 12.94
C THR A 657 11.67 41.43 13.96
N GLY A 658 12.90 41.14 13.56
CA GLY A 658 14.05 41.39 14.42
C GLY A 658 13.99 40.58 15.70
N GLY A 659 14.98 40.78 16.56
CA GLY A 659 15.04 40.05 17.80
C GLY A 659 15.45 38.60 17.67
N TYR A 660 15.95 38.18 16.51
CA TYR A 660 16.50 36.85 16.38
C TYR A 660 17.85 36.78 17.09
N VAL A 661 18.05 35.73 17.88
CA VAL A 661 19.35 35.44 18.47
C VAL A 661 19.69 33.98 18.15
N PHE A 662 20.91 33.77 17.66
CA PHE A 662 21.39 32.51 17.14
C PHE A 662 22.23 31.76 18.17
N THR A 663 22.27 30.44 18.02
CA THR A 663 23.16 29.58 18.79
C THR A 663 24.02 28.79 17.82
N ALA A 664 25.30 28.67 18.13
CA ALA A 664 26.21 27.97 17.24
C ALA A 664 25.86 26.48 17.19
N ARG A 665 26.20 25.85 16.06
CA ARG A 665 26.09 24.40 15.92
C ARG A 665 27.08 23.94 14.85
N ASP A 666 27.80 22.86 15.14
CA ASP A 666 28.65 22.18 14.16
C ASP A 666 29.68 23.10 13.50
N GLY A 667 30.25 24.02 14.28
CA GLY A 667 31.44 24.73 13.87
C GLY A 667 31.21 26.10 13.26
N VAL A 668 29.95 26.52 13.12
CA VAL A 668 29.63 27.79 12.47
C VAL A 668 28.44 28.44 13.16
N VAL A 669 28.19 29.68 12.77
CA VAL A 669 26.89 30.33 12.94
C VAL A 669 26.48 30.81 11.56
N VAL A 670 25.50 30.14 10.95
CA VAL A 670 24.99 30.52 9.64
C VAL A 670 23.71 31.31 9.85
N ILE A 671 23.64 32.50 9.23
CA ILE A 671 22.54 33.43 9.44
C ILE A 671 22.03 33.88 8.08
N GLU A 672 20.72 33.74 7.85
CA GLU A 672 20.06 34.41 6.73
C GLU A 672 19.87 35.89 7.07
N ALA A 673 20.16 36.76 6.08
CA ALA A 673 20.43 38.16 6.41
C ALA A 673 19.24 38.88 7.05
N GLU A 674 18.01 38.44 6.79
CA GLU A 674 16.87 39.15 7.35
C GLU A 674 16.63 38.85 8.83
N HIS A 675 17.29 37.84 9.38
CA HIS A 675 17.09 37.47 10.78
C HIS A 675 18.06 38.25 11.67
N TYR A 676 17.94 39.57 11.63
CA TYR A 676 18.76 40.42 12.45
C TYR A 676 18.24 40.46 13.89
N PHE A 677 19.12 40.89 14.80
CA PHE A 677 18.64 41.19 16.15
C PHE A 677 18.04 42.58 16.22
N GLU A 678 18.78 43.58 15.70
CA GLU A 678 18.18 44.89 15.47
C GLU A 678 18.73 45.50 14.21
N ALA A 679 17.97 46.45 13.66
CA ALA A 679 18.33 47.19 12.46
C ALA A 679 18.03 48.66 12.71
N LYS A 680 19.09 49.49 12.72
CA LYS A 680 18.91 50.94 12.81
C LYS A 680 18.79 51.51 11.40
N ASP A 681 17.71 52.25 11.13
CA ASP A 681 17.50 52.83 9.81
C ASP A 681 18.44 54.01 9.60
N ALA A 682 18.58 54.43 8.35
CA ALA A 682 19.36 55.61 8.05
C ALA A 682 18.49 56.86 8.13
N GLU A 683 19.07 57.99 7.75
CA GLU A 683 18.33 59.23 7.53
C GLU A 683 17.57 59.09 6.22
N GLU A 684 16.25 58.89 6.31
CA GLU A 684 15.39 58.78 5.14
C GLU A 684 15.35 57.36 4.54
N ALA A 685 16.50 56.74 4.29
CA ALA A 685 16.51 55.37 3.78
C ALA A 685 16.22 54.38 4.90
N LYS A 686 15.43 53.36 4.59
CA LYS A 686 14.92 52.43 5.60
C LYS A 686 15.24 50.99 5.20
N TRP A 687 15.59 50.16 6.18
CA TRP A 687 15.83 48.75 5.89
C TRP A 687 14.59 48.13 5.29
N THR A 688 14.74 47.59 4.07
CA THR A 688 13.64 46.98 3.33
C THR A 688 14.02 45.56 2.96
N VAL A 689 13.22 44.60 3.36
CA VAL A 689 13.52 43.22 3.00
C VAL A 689 12.79 42.86 1.71
N ILE A 690 13.51 42.14 0.84
CA ILE A 690 13.06 41.75 -0.49
C ILE A 690 12.80 40.24 -0.51
N PRO A 691 11.55 39.83 -0.37
CA PRO A 691 11.25 38.39 -0.31
C PRO A 691 11.92 37.58 -1.41
N TYR A 692 12.36 36.37 -1.06
CA TYR A 692 12.84 35.38 -2.03
C TYR A 692 14.14 35.74 -2.75
N MET A 693 14.64 36.98 -2.59
CA MET A 693 15.79 37.42 -3.36
C MET A 693 17.09 36.80 -2.86
N GLY A 694 17.89 36.32 -3.80
CA GLY A 694 19.12 35.63 -3.49
C GLY A 694 18.94 34.13 -3.63
N ARG A 695 19.96 33.41 -3.17
CA ARG A 695 19.94 31.97 -3.29
C ARG A 695 19.08 31.29 -2.23
N THR A 696 18.83 31.96 -1.12
CA THR A 696 18.12 31.32 -0.03
C THR A 696 16.96 32.18 0.47
N LEU A 697 16.87 32.46 1.77
CA LEU A 697 15.66 33.02 2.35
C LEU A 697 15.23 34.32 1.65
N SER A 698 16.06 35.35 1.67
CA SER A 698 15.66 36.66 1.19
C SER A 698 16.85 37.61 1.25
N SER A 699 16.66 38.81 0.70
CA SER A 699 17.66 39.86 0.80
C SER A 699 17.11 41.01 1.65
N ILE A 700 17.99 41.95 1.98
CA ILE A 700 17.63 43.10 2.82
C ILE A 700 18.58 44.25 2.47
N ALA A 701 18.01 45.44 2.32
CA ALA A 701 18.79 46.58 1.82
C ALA A 701 18.07 47.87 2.18
N LEU A 702 18.87 48.92 2.41
CA LEU A 702 18.33 50.25 2.62
C LEU A 702 17.68 50.78 1.35
N MET A 703 16.42 51.22 1.45
CA MET A 703 15.76 51.80 0.29
C MET A 703 15.16 53.16 0.62
N PRO A 704 15.14 54.08 -0.35
CA PRO A 704 15.66 53.83 -1.69
C PRO A 704 17.17 54.09 -1.81
N TYR A 705 17.74 53.88 -3.00
CA TYR A 705 19.18 53.98 -3.22
C TYR A 705 19.64 55.40 -3.50
N THR A 706 18.74 56.38 -3.47
CA THR A 706 19.09 57.76 -3.73
C THR A 706 19.42 58.55 -2.47
N LYS A 707 19.36 57.93 -1.31
CA LYS A 707 19.51 58.56 0.00
C LYS A 707 20.87 58.19 0.60
N GLU A 708 21.36 59.04 1.52
CA GLU A 708 22.62 58.70 2.17
C GLU A 708 22.37 57.55 3.16
N VAL A 709 23.34 56.62 3.22
CA VAL A 709 23.22 55.48 4.12
C VAL A 709 23.86 55.75 5.49
N GLU A 710 24.39 56.95 5.70
CA GLU A 710 25.13 57.30 6.92
C GLU A 710 24.41 56.82 8.16
N GLY A 711 25.13 56.07 8.98
CA GLY A 711 24.67 55.70 10.29
C GLY A 711 23.92 54.40 10.37
N ALA A 712 23.46 53.85 9.24
CA ALA A 712 22.60 52.67 9.28
C ALA A 712 23.41 51.42 9.65
N SER A 713 22.70 50.41 10.14
CA SER A 713 23.38 49.21 10.60
C SER A 713 22.37 48.08 10.80
N LEU A 714 22.85 46.86 10.59
CA LEU A 714 22.19 45.63 11.01
C LEU A 714 23.01 44.95 12.10
N SER A 715 22.33 44.31 13.04
CA SER A 715 22.97 43.72 14.22
C SER A 715 22.47 42.30 14.42
N TYR A 716 23.41 41.35 14.52
CA TYR A 716 23.08 39.94 14.71
C TYR A 716 23.62 39.46 16.05
N ARG A 717 22.74 38.91 16.88
CA ARG A 717 23.08 38.41 18.20
C ARG A 717 23.28 36.91 18.14
N MET A 718 24.39 36.43 18.71
CA MET A 718 24.72 35.00 18.58
C MET A 718 25.56 34.54 19.76
N GLN A 719 25.48 33.25 20.01
CA GLN A 719 26.20 32.60 21.11
C GLN A 719 27.23 31.63 20.56
N ILE A 720 28.47 31.79 21.01
CA ILE A 720 29.61 30.97 20.59
C ILE A 720 30.26 30.34 21.82
N PRO A 721 30.66 29.06 21.75
CA PRO A 721 31.34 28.43 22.91
C PRO A 721 32.60 29.18 23.30
N ASP A 722 32.83 29.30 24.61
CA ASP A 722 33.86 30.22 25.11
C ASP A 722 35.26 29.84 24.63
N GLU A 723 35.45 28.61 24.15
CA GLU A 723 36.76 28.13 23.72
C GLU A 723 37.28 28.79 22.43
N VAL A 724 36.56 29.73 21.84
CA VAL A 724 36.86 30.25 20.50
C VAL A 724 37.53 31.60 20.64
N SER A 725 38.61 31.81 19.88
CA SER A 725 39.41 33.02 20.04
C SER A 725 39.43 33.92 18.81
N GLU A 726 39.27 33.37 17.61
CA GLU A 726 39.11 34.20 16.43
C GLU A 726 38.21 33.49 15.45
N VAL A 727 37.56 34.27 14.58
CA VAL A 727 36.56 33.77 13.65
C VAL A 727 36.81 34.34 12.26
N LYS A 728 36.33 33.59 11.27
CA LYS A 728 36.28 34.05 9.89
C LYS A 728 34.83 34.39 9.59
N VAL A 729 34.56 35.63 9.19
CA VAL A 729 33.19 36.07 8.91
C VAL A 729 33.00 36.17 7.41
N HIS A 730 32.10 35.33 6.88
CA HIS A 730 31.68 35.37 5.49
C HIS A 730 30.42 36.22 5.36
N VAL A 731 30.45 37.24 4.51
CA VAL A 731 29.26 37.99 4.15
C VAL A 731 29.00 37.82 2.66
N VAL A 732 27.79 37.39 2.31
CA VAL A 732 27.34 37.23 0.93
C VAL A 732 26.40 38.38 0.59
N VAL A 733 26.72 39.13 -0.45
CA VAL A 733 25.83 40.18 -0.93
C VAL A 733 25.51 39.89 -2.38
N LYS A 734 24.50 40.60 -2.90
CA LYS A 734 24.23 40.56 -4.33
C LYS A 734 25.42 41.16 -5.09
N SER A 735 25.65 40.64 -6.29
CA SER A 735 26.78 41.12 -7.10
C SER A 735 26.45 42.46 -7.77
N THR A 736 26.15 43.44 -6.93
CA THR A 736 25.99 44.80 -7.42
C THR A 736 27.32 45.34 -7.92
N LEU A 737 27.28 46.14 -8.98
CA LEU A 737 28.49 46.68 -9.53
C LEU A 737 28.73 48.10 -9.04
N PRO A 738 29.93 48.65 -9.24
CA PRO A 738 30.23 50.01 -8.74
C PRO A 738 29.66 51.09 -9.65
N PHE A 739 28.33 51.22 -9.63
CA PHE A 739 27.63 52.08 -10.59
C PHE A 739 27.73 53.55 -10.22
N HIS A 740 27.81 53.87 -8.94
CA HIS A 740 27.82 55.24 -8.45
C HIS A 740 29.21 55.82 -8.33
N ASP A 741 30.25 54.99 -8.42
CA ASP A 741 31.55 55.41 -7.93
C ASP A 741 32.54 54.27 -8.18
N PRO A 742 33.49 54.45 -9.09
CA PRO A 742 34.29 53.31 -9.56
C PRO A 742 35.12 52.65 -8.47
N LYS A 743 35.37 53.32 -7.34
CA LYS A 743 36.17 52.68 -6.30
C LYS A 743 35.42 51.57 -5.60
N GLY A 744 34.11 51.47 -5.80
CA GLY A 744 33.35 50.30 -5.39
C GLY A 744 32.54 50.54 -4.14
N HIS A 745 31.78 49.50 -3.78
CA HIS A 745 30.95 49.52 -2.59
C HIS A 745 31.73 48.94 -1.41
N GLU A 746 31.58 49.59 -0.26
CA GLU A 746 32.23 49.13 0.97
C GLU A 746 31.18 49.03 2.07
N TYR A 747 31.39 48.05 2.96
CA TYR A 747 30.62 47.94 4.18
C TYR A 747 31.57 47.58 5.32
N ARG A 748 31.15 47.90 6.56
CA ARG A 748 31.97 47.68 7.75
C ARG A 748 31.39 46.53 8.56
N VAL A 749 32.12 45.41 8.60
CA VAL A 749 31.72 44.26 9.40
C VAL A 749 32.64 44.15 10.60
N GLY A 750 32.05 43.87 11.76
CA GLY A 750 32.84 43.65 12.96
C GLY A 750 31.94 43.32 14.13
N PHE A 751 32.55 42.75 15.17
CA PHE A 751 31.83 42.51 16.41
C PHE A 751 31.84 43.78 17.25
N GLU A 752 30.67 44.25 17.64
CA GLU A 752 30.62 45.50 18.38
C GLU A 752 31.16 45.25 19.79
N GLY A 753 32.04 46.13 20.25
CA GLY A 753 32.90 45.84 21.35
C GLY A 753 34.23 45.23 20.96
N GLY A 754 34.45 44.92 19.68
CA GLY A 754 35.72 44.37 19.24
C GLY A 754 36.25 45.04 17.99
N SER A 755 37.03 44.32 17.20
CA SER A 755 37.66 44.89 16.01
C SER A 755 36.69 44.84 14.80
N LYS A 756 36.91 45.76 13.86
CA LYS A 756 36.04 45.89 12.69
C LYS A 756 36.88 46.19 11.47
N GLU A 757 36.78 45.35 10.44
CA GLU A 757 37.37 45.61 9.14
C GLU A 757 36.28 46.11 8.18
N ILE A 758 36.72 46.75 7.09
CA ILE A 758 35.82 47.15 6.01
C ILE A 758 36.11 46.30 4.79
N VAL A 759 35.07 46.08 3.99
CA VAL A 759 35.11 45.17 2.85
C VAL A 759 34.72 45.94 1.60
N ASN A 760 35.53 45.83 0.56
CA ASN A 760 35.20 46.39 -0.75
C ASN A 760 34.99 45.20 -1.69
N PHE A 761 33.72 44.88 -1.96
CA PHE A 761 33.40 43.60 -2.57
C PHE A 761 33.34 43.63 -4.09
N ASN A 762 33.36 44.81 -4.72
CA ASN A 762 33.28 44.91 -6.17
C ASN A 762 34.32 45.86 -6.77
N TRP A 763 35.37 46.21 -6.02
CA TRP A 763 36.41 47.08 -6.56
C TRP A 763 37.02 46.48 -7.83
N ASN A 764 36.93 45.17 -7.99
CA ASN A 764 37.58 44.44 -9.06
C ASN A 764 36.58 43.79 -10.03
N LEU A 765 35.31 44.20 -10.00
CA LEU A 765 34.31 43.69 -10.94
C LEU A 765 34.16 44.68 -12.09
N ASN A 766 35.06 44.56 -13.07
CA ASN A 766 35.03 45.43 -14.23
C ASN A 766 35.69 44.71 -15.41
N GLU A 767 35.75 45.42 -16.53
CA GLU A 767 36.25 44.92 -17.81
C GLU A 767 37.74 45.21 -18.01
N GLU A 768 38.45 45.65 -16.97
CA GLU A 768 39.90 45.80 -17.09
C GLU A 768 40.53 44.42 -17.28
N PRO A 769 41.58 44.32 -18.09
CA PRO A 769 42.05 43.00 -18.55
C PRO A 769 42.33 42.00 -17.44
N GLU A 770 42.92 42.44 -16.32
CA GLU A 770 43.26 41.55 -15.22
C GLU A 770 42.04 41.07 -14.44
N ASN A 771 40.87 41.69 -14.64
CA ASN A 771 39.68 41.30 -13.92
C ASN A 771 38.62 40.64 -14.79
N ILE A 772 38.60 40.98 -16.08
CA ILE A 772 37.36 40.86 -16.86
C ILE A 772 36.89 39.41 -16.94
N TYR A 773 37.81 38.48 -17.18
CA TYR A 773 37.46 37.06 -17.21
C TYR A 773 37.97 36.29 -16.00
N SER A 774 38.88 36.86 -15.22
CA SER A 774 39.38 36.18 -14.04
C SER A 774 38.38 36.22 -12.91
N VAL A 775 37.78 37.38 -12.66
CA VAL A 775 36.84 37.56 -11.56
C VAL A 775 35.48 38.03 -12.06
N PHE A 776 35.46 39.10 -12.85
CA PHE A 776 34.26 39.87 -13.21
C PHE A 776 33.11 39.00 -13.76
N TYR A 777 33.26 38.49 -14.98
CA TYR A 777 32.19 37.68 -15.55
C TYR A 777 31.84 36.45 -14.71
N PRO A 778 32.80 35.71 -14.15
CA PRO A 778 32.40 34.59 -13.26
C PRO A 778 31.54 35.00 -12.07
N THR A 779 31.93 36.04 -11.32
CA THR A 779 31.12 36.40 -10.16
C THR A 779 29.77 36.95 -10.57
N VAL A 780 29.74 37.79 -11.60
CA VAL A 780 28.50 38.40 -12.06
C VAL A 780 27.51 37.33 -12.54
N ALA A 781 27.98 36.33 -13.30
CA ALA A 781 27.03 35.31 -13.76
C ALA A 781 26.54 34.43 -12.62
N SER A 782 27.16 34.53 -11.45
CA SER A 782 26.72 33.80 -10.26
C SER A 782 25.75 34.60 -9.42
N ARG A 783 25.66 35.92 -9.66
CA ARG A 783 24.72 36.88 -9.08
C ARG A 783 25.08 37.29 -7.65
N VAL A 784 26.13 36.72 -7.04
CA VAL A 784 26.51 37.02 -5.66
C VAL A 784 28.01 37.21 -5.56
N VAL A 785 28.44 37.92 -4.52
CA VAL A 785 29.85 37.95 -4.13
C VAL A 785 29.92 37.56 -2.66
N LYS A 786 30.96 36.81 -2.31
CA LYS A 786 31.21 36.37 -0.94
C LYS A 786 32.57 36.89 -0.50
N LYS A 787 32.58 37.69 0.55
CA LYS A 787 33.84 38.15 1.12
C LYS A 787 34.01 37.59 2.53
N ASP A 788 35.26 37.51 2.97
CA ASP A 788 35.59 37.06 4.31
C ASP A 788 36.60 38.00 4.94
N VAL A 789 36.38 38.30 6.20
CA VAL A 789 37.38 38.91 7.06
C VAL A 789 37.74 37.89 8.13
N THR A 790 38.90 38.09 8.75
CA THR A 790 39.28 37.31 9.92
C THR A 790 39.34 38.25 11.10
N LEU A 791 38.54 37.95 12.12
CA LEU A 791 38.27 38.88 13.20
C LEU A 791 38.68 38.25 14.52
N ASP A 792 39.32 39.06 15.36
CA ASP A 792 39.65 38.62 16.71
C ASP A 792 38.41 38.71 17.59
N LEU A 793 38.14 37.62 18.30
CA LEU A 793 36.99 37.52 19.19
C LEU A 793 37.43 37.89 20.60
N HIS A 794 36.79 38.92 21.17
CA HIS A 794 37.17 39.37 22.50
C HIS A 794 36.48 38.55 23.57
N ASP A 795 36.73 38.88 24.83
CA ASP A 795 36.23 38.09 25.95
C ASP A 795 34.84 38.57 26.36
N THR A 796 34.05 37.62 26.85
CA THR A 796 32.75 37.93 27.42
C THR A 796 32.38 36.81 28.37
N ASP A 797 31.47 37.14 29.30
CA ASP A 797 31.13 36.25 30.39
C ASP A 797 29.92 35.39 30.09
N ASP A 798 28.97 35.90 29.29
CA ASP A 798 27.80 35.12 28.91
C ASP A 798 27.98 34.34 27.62
N GLY A 799 29.00 34.66 26.83
CA GLY A 799 29.22 34.02 25.54
C GLY A 799 28.41 34.58 24.38
N PHE A 800 27.67 35.67 24.59
CA PHE A 800 26.86 36.28 23.54
C PHE A 800 27.64 37.39 22.86
N TYR A 801 27.55 37.44 21.53
CA TYR A 801 28.21 38.46 20.73
C TYR A 801 27.19 39.12 19.82
N THR A 802 27.53 40.32 19.35
CA THR A 802 26.68 41.10 18.47
C THR A 802 27.51 41.44 17.24
N LEU A 803 27.28 40.71 16.14
CA LEU A 803 27.90 41.06 14.87
C LEU A 803 27.15 42.22 14.25
N THR A 804 27.89 43.09 13.57
CA THR A 804 27.34 44.34 13.10
C THR A 804 27.80 44.61 11.67
N LEU A 805 26.83 44.87 10.80
CA LEU A 805 27.07 45.17 9.38
C LEU A 805 26.65 46.61 9.11
N GLU A 806 27.59 47.44 8.70
CA GLU A 806 27.30 48.85 8.44
C GLU A 806 27.64 49.16 6.99
N PRO A 807 26.67 49.42 6.13
CA PRO A 807 26.98 49.80 4.75
C PRO A 807 27.51 51.22 4.70
N LEU A 808 28.35 51.47 3.71
CA LEU A 808 28.93 52.80 3.51
C LEU A 808 28.62 53.40 2.14
N ASP A 809 27.99 52.66 1.24
CA ASP A 809 27.54 53.17 -0.05
C ASP A 809 26.13 52.66 -0.28
N PRO A 810 25.37 53.30 -1.17
CA PRO A 810 23.99 52.86 -1.41
C PRO A 810 23.89 51.61 -2.26
N GLY A 811 22.78 50.88 -2.09
CA GLY A 811 22.48 49.79 -2.99
C GLY A 811 23.15 48.47 -2.66
N ILE A 812 23.61 48.28 -1.44
CA ILE A 812 24.18 47.00 -1.05
C ILE A 812 23.06 46.07 -0.64
N VAL A 813 23.02 44.88 -1.25
CA VAL A 813 21.96 43.91 -1.02
C VAL A 813 22.55 42.76 -0.18
N PHE A 814 22.36 42.84 1.14
CA PHE A 814 22.86 41.80 2.04
C PHE A 814 21.97 40.57 1.99
N GLN A 815 22.60 39.40 1.96
CA GLN A 815 21.89 38.14 1.70
C GLN A 815 22.16 37.06 2.73
N LYS A 816 23.40 36.92 3.21
CA LYS A 816 23.69 35.82 4.12
C LYS A 816 25.01 36.07 4.83
N ILE A 817 25.10 35.58 6.06
CA ILE A 817 26.28 35.68 6.89
C ILE A 817 26.61 34.32 7.47
N VAL A 818 27.89 33.98 7.49
CA VAL A 818 28.32 32.78 8.21
C VAL A 818 29.62 33.10 8.93
N VAL A 819 29.59 33.07 10.26
CA VAL A 819 30.81 33.13 11.05
C VAL A 819 31.37 31.70 11.19
N ASP A 820 32.65 31.56 10.86
CA ASP A 820 33.31 30.29 10.59
C ASP A 820 34.40 30.13 11.65
N PHE A 821 34.24 29.14 12.52
CA PHE A 821 35.31 28.77 13.45
C PHE A 821 35.58 27.27 13.38
N GLY A 822 35.63 26.73 12.16
CA GLY A 822 35.99 25.34 11.98
C GLY A 822 35.06 24.55 11.07
N GLY A 823 33.76 24.75 11.21
CA GLY A 823 32.79 23.90 10.57
C GLY A 823 32.31 24.31 9.20
N TYR A 824 33.00 25.25 8.56
CA TYR A 824 32.52 25.79 7.30
C TYR A 824 32.71 24.79 6.16
N GLU A 825 31.69 24.68 5.31
CA GLU A 825 31.67 23.77 4.18
C GLU A 825 31.39 24.59 2.92
N GLU A 826 32.26 24.47 1.91
CA GLU A 826 31.99 25.13 0.63
C GLU A 826 30.71 24.58 0.02
N SER A 827 29.82 25.48 -0.42
CA SER A 827 28.51 25.03 -0.91
C SER A 827 27.81 26.16 -1.66
N ARG A 828 26.84 25.79 -2.51
CA ARG A 828 26.22 26.81 -3.34
C ARG A 828 25.25 27.68 -2.56
N LEU A 829 24.62 27.14 -1.51
CA LEU A 829 23.67 27.90 -0.71
C LEU A 829 24.26 28.43 0.60
N PHE A 830 25.52 28.14 0.90
CA PHE A 830 26.19 28.66 2.10
C PHE A 830 25.62 28.09 3.39
N MET A 831 25.18 26.82 3.33
CA MET A 831 24.99 25.98 4.52
C MET A 831 23.62 26.18 5.16
N GLU A 832 23.16 25.18 5.91
CA GLU A 832 21.88 25.30 6.61
C GLU A 832 22.01 26.37 7.69
N GLU A 833 20.94 27.15 7.89
CA GLU A 833 20.93 28.16 8.93
C GLU A 833 21.04 27.50 10.31
N SER A 834 21.74 28.17 11.22
CA SER A 834 21.94 27.70 12.58
C SER A 834 20.68 27.90 13.42
N PRO A 835 20.58 27.19 14.54
CA PRO A 835 19.37 27.34 15.39
C PRO A 835 19.20 28.77 15.87
N ASN A 836 17.95 29.22 15.95
CA ASN A 836 17.66 30.57 16.41
C ASN A 836 16.24 30.64 16.97
N LYS A 837 15.92 31.78 17.57
CA LYS A 837 14.55 32.08 18.00
C LYS A 837 14.38 33.59 18.10
N ARG A 838 13.14 34.02 18.34
CA ARG A 838 12.75 35.42 18.35
C ARG A 838 12.24 35.87 19.72
N ILE A 839 12.38 37.17 20.02
CA ILE A 839 12.13 37.73 21.36
C ILE A 839 10.94 38.69 21.42
N GLU A 840 11.18 39.98 21.25
CA GLU A 840 10.10 40.97 21.40
C GLU A 840 9.09 40.88 20.25
#